data_1ZYQ
#
_entry.id   1ZYQ
#
_cell.length_a   106.148
_cell.length_b   213.007
_cell.length_c   52.990
_cell.angle_alpha   90.00
_cell.angle_beta   90.00
_cell.angle_gamma   90.00
#
_symmetry.space_group_name_H-M   'P 21 21 2'
#
loop_
_entity.id
_entity.type
_entity.pdbx_description
1 polymer "5'-D(*CP*GP*AP*AP*AP*AP*CP*GP*AP*CP*GP*GP*CP*CP*AP*GP*TP*GP*CP*CP*AP*(DDG))-3'"
2 polymer "5'-D(*CP*CP*CP*(8OG)P*CP*TP*GP*GP*CP*AP*CP*TP*GP*GP*CP*CP*GP*TP*CP*GP*TP*TP*TP*TP*CP*G)-3'"
3 polymer 'DNA polymerase'
4 polymer 'Thioredoxin 1'
5 non-polymer 'MAGNESIUM ION'
6 non-polymer "2',3'-DIDEOXYADENOSINE-5'-TRIPHOSPHATE"
7 water water
#
loop_
_entity_poly.entity_id
_entity_poly.type
_entity_poly.pdbx_seq_one_letter_code
_entity_poly.pdbx_strand_id
1 'polydeoxyribonucleotide'
;(DC)(DG)(DA)(DA)(DA)(DA)(DC)(DG)(DA)(DC)(DG)(DG)(DC)(DC)(DA)(DG)(DT)(DG)(DC)(DC)
(DA)(DDG)
;
P
2 'polydeoxyribonucleotide'
;(DC)(DC)(DC)(8OG)(DC)(DT)(DG)(DG)(DC)(DA)(DC)(DT)(DG)(DG)(DC)(DC)(DG)(DT)(DC)
(DG)(DT)(DT)(DT)(DT)(DC)(DG)
;
T
3 'polypeptide(L)'
;MIVSDIEANALLESVTKFHCGVIYDYSTAEYVSYRPSDFGAYLDALEAEVARGGLIVFHNGHKYDVPALTKLAKLQLNRE
FHLPRENCIDTLVLSRLIHSNLKDTDMGLLRSGKLPGALEAWGYRLGEMKGEYKDDFKRMLEEQGEEYVDGMEWWNFNEE
MMDYNVQDVVVTKALLEKLLSDKHYFPPEIDFTDVGYTTFWSESLEAVDIEHRAAWLLAKQERNGFPFDTKAIEELYVEL
AARRSELLRKLTETFGSWYQPKGGTEMFCHPRTGKPLPKYPRIKTPKVGGIFKKPKNKAQREGREPCELDTREYVAGAPY
TPVEHVVFNPSSRDHIQKKLQEAGWVPTKYTDKGAPVVDDEVLEGVRVDDPEKQAAIDLIKEYLMIQKRIGQSAEGDKAW
LRYVAEDGKIHGSVNPNGAVTGRATHAFPNLAQIPGVRSPYGEQCRAAFGAEHHLDGITGKPWVQAGIDASGLELRCLAH
FMARFDNGEYAHEILNGDIHTKNQIAAELPTRDNAKTFIYGFLYGAGDEAIGQIVGAGKERGKELKKKFLENTPAIAALR
ESIQQTLVESSQWVAGEQQVKWKRRWIKGLDGRKVHVRSPHAALNTLLQSAGALICKLWIIKTEEMLVEKGLKHGWDGDF
AYMAWVHDEIQVGCRTEEIAQVVIETAQEAMRWVGDHWNFRCLLDTEGKMGPNWAICH
;
A
4 'polypeptide(L)'
;SDKIIHLTDDSFDTDVLKADGAILVDFWAEWCGPCKMIAPILDEIADEYQGKLTVAKLNIDQNPGTAPKYGIRGIPTLLL
FKNGEVAATKVGALSKGQLKEFLDANLA
;
B
#
# COMPACT_ATOMS: atom_id res chain seq x y z
N MET C 1 17.45 36.42 3.12
CA MET C 1 16.71 35.20 2.72
C MET C 1 16.21 35.30 1.29
N ILE C 2 16.38 34.22 0.54
CA ILE C 2 15.93 34.15 -0.84
C ILE C 2 15.06 32.92 -1.01
N VAL C 3 14.15 32.98 -1.98
CA VAL C 3 13.29 31.85 -2.27
C VAL C 3 13.72 31.47 -3.67
N SER C 4 13.85 30.17 -3.93
CA SER C 4 14.30 29.72 -5.25
C SER C 4 13.62 28.45 -5.73
N ASP C 5 13.71 28.23 -7.05
CA ASP C 5 13.12 27.05 -7.67
C ASP C 5 13.79 26.82 -9.00
N ILE C 6 14.01 25.56 -9.36
CA ILE C 6 14.64 25.27 -10.63
C ILE C 6 13.85 24.29 -11.49
N GLU C 7 14.11 24.35 -12.80
CA GLU C 7 13.48 23.48 -13.78
C GLU C 7 14.61 22.67 -14.46
N ALA C 8 14.47 21.36 -14.51
CA ALA C 8 15.48 20.51 -15.13
C ALA C 8 14.83 19.54 -16.14
N ASN C 9 15.66 18.77 -16.84
CA ASN C 9 15.17 17.86 -17.88
C ASN C 9 14.75 16.46 -17.43
N ALA C 10 14.83 16.15 -16.15
CA ALA C 10 14.45 14.82 -15.68
C ALA C 10 14.56 14.70 -14.17
N LEU C 11 14.15 13.54 -13.63
CA LEU C 11 14.24 13.29 -12.18
C LEU C 11 15.74 13.14 -11.81
N LEU C 12 16.05 13.30 -10.52
CA LEU C 12 17.43 13.22 -10.03
C LEU C 12 18.25 12.07 -10.59
N GLU C 13 17.66 10.88 -10.60
CA GLU C 13 18.33 9.68 -11.08
C GLU C 13 19.05 9.86 -12.41
N SER C 14 18.49 10.65 -13.30
CA SER C 14 19.12 10.84 -14.60
C SER C 14 19.07 12.26 -15.15
N VAL C 15 18.91 13.24 -14.28
CA VAL C 15 18.87 14.63 -14.72
C VAL C 15 20.23 14.91 -15.37
N THR C 16 20.25 15.67 -16.46
CA THR C 16 21.51 15.98 -17.14
C THR C 16 21.59 17.38 -17.71
N LYS C 17 20.54 18.17 -17.52
CA LYS C 17 20.57 19.52 -18.05
C LYS C 17 19.72 20.48 -17.21
N PHE C 18 20.27 21.66 -16.97
CA PHE C 18 19.61 22.73 -16.21
C PHE C 18 18.83 23.56 -17.22
N HIS C 19 17.52 23.71 -17.03
CA HIS C 19 16.75 24.51 -17.97
C HIS C 19 16.72 25.96 -17.53
N CYS C 20 16.09 26.24 -16.39
CA CYS C 20 16.00 27.61 -15.88
C CYS C 20 15.88 27.65 -14.37
N GLY C 21 15.95 28.86 -13.83
CA GLY C 21 15.85 29.04 -12.39
C GLY C 21 15.38 30.44 -12.06
N VAL C 22 14.70 30.58 -10.93
CA VAL C 22 14.22 31.89 -10.48
C VAL C 22 14.62 32.10 -9.03
N ILE C 23 14.98 33.35 -8.71
CA ILE C 23 15.35 33.69 -7.35
C ILE C 23 14.64 34.97 -6.92
N TYR C 24 14.05 34.95 -5.74
CA TYR C 24 13.39 36.11 -5.18
C TYR C 24 14.22 36.48 -3.97
N ASP C 25 14.74 37.70 -3.92
CA ASP C 25 15.55 38.12 -2.79
C ASP C 25 14.73 39.08 -1.91
N TYR C 26 14.48 38.68 -0.68
CA TYR C 26 13.72 39.48 0.26
C TYR C 26 14.40 40.81 0.44
N SER C 27 15.71 40.82 0.26
CA SER C 27 16.49 42.03 0.45
C SER C 27 16.25 43.10 -0.62
N THR C 28 15.89 42.68 -1.82
CA THR C 28 15.64 43.61 -2.92
C THR C 28 14.18 43.52 -3.34
N ALA C 29 13.49 42.50 -2.84
CA ALA C 29 12.08 42.30 -3.16
C ALA C 29 11.85 42.14 -4.67
N GLU C 30 12.87 41.69 -5.38
CA GLU C 30 12.72 41.52 -6.81
C GLU C 30 12.90 40.08 -7.25
N TYR C 31 12.35 39.75 -8.42
CA TYR C 31 12.47 38.40 -8.95
C TYR C 31 13.49 38.42 -10.08
N VAL C 32 14.34 37.39 -10.13
CA VAL C 32 15.36 37.27 -11.16
C VAL C 32 15.30 35.91 -11.82
N SER C 33 15.18 35.92 -13.15
CA SER C 33 15.11 34.69 -13.92
C SER C 33 16.49 34.34 -14.46
N TYR C 34 16.72 33.05 -14.69
CA TYR C 34 18.00 32.58 -15.22
C TYR C 34 17.67 31.51 -16.24
N ARG C 35 18.17 31.72 -17.45
CA ARG C 35 17.93 30.79 -18.55
C ARG C 35 19.12 29.86 -18.68
N PRO C 36 19.02 28.80 -19.50
CA PRO C 36 20.11 27.83 -19.69
C PRO C 36 21.54 28.38 -19.66
N SER C 37 21.76 29.44 -20.42
CA SER C 37 23.07 30.05 -20.50
C SER C 37 23.49 30.73 -19.19
N ASP C 38 22.58 30.83 -18.21
CA ASP C 38 22.88 31.48 -16.95
C ASP C 38 23.10 30.54 -15.76
N PHE C 39 23.31 29.26 -16.04
CA PHE C 39 23.52 28.29 -14.96
C PHE C 39 24.66 28.69 -14.00
N GLY C 40 25.82 29.03 -14.53
CA GLY C 40 26.91 29.44 -13.66
C GLY C 40 26.54 30.64 -12.79
N ALA C 41 25.77 31.56 -13.35
CA ALA C 41 25.36 32.77 -12.63
C ALA C 41 24.33 32.47 -11.55
N TYR C 42 23.45 31.51 -11.83
CA TYR C 42 22.43 31.14 -10.87
C TYR C 42 23.15 30.56 -9.66
N LEU C 43 24.06 29.64 -9.92
CA LEU C 43 24.81 29.02 -8.84
C LEU C 43 25.61 30.02 -8.02
N ASP C 44 26.18 31.02 -8.68
CA ASP C 44 26.96 32.01 -7.96
C ASP C 44 26.04 32.72 -6.97
N ALA C 45 24.87 33.13 -7.45
CA ALA C 45 23.89 33.82 -6.62
C ALA C 45 23.62 33.04 -5.33
N LEU C 46 23.43 31.73 -5.45
CA LEU C 46 23.17 30.88 -4.29
C LEU C 46 24.34 30.88 -3.33
N GLU C 47 25.56 30.75 -3.85
CA GLU C 47 26.73 30.75 -2.98
C GLU C 47 26.92 32.12 -2.35
N ALA C 48 26.48 33.17 -3.03
CA ALA C 48 26.60 34.52 -2.50
C ALA C 48 25.74 34.61 -1.24
N GLU C 49 24.56 34.01 -1.28
CA GLU C 49 23.65 34.00 -0.16
C GLU C 49 24.26 33.19 0.99
N VAL C 50 25.04 32.17 0.62
CA VAL C 50 25.68 31.33 1.63
C VAL C 50 26.87 32.05 2.26
N ALA C 51 27.56 32.86 1.46
CA ALA C 51 28.70 33.61 1.96
C ALA C 51 28.27 34.64 3.00
N ARG C 52 27.00 35.07 2.91
CA ARG C 52 26.44 36.06 3.84
C ARG C 52 25.83 35.39 5.07
N GLY C 53 25.94 34.07 5.15
CA GLY C 53 25.33 33.38 6.28
C GLY C 53 23.82 33.45 6.14
N GLY C 54 23.36 33.53 4.90
CA GLY C 54 21.95 33.61 4.62
C GLY C 54 21.22 32.29 4.54
N LEU C 55 19.98 32.35 4.03
CA LEU C 55 19.15 31.16 3.91
C LEU C 55 18.56 31.06 2.51
N ILE C 56 18.44 29.84 2.02
CA ILE C 56 17.87 29.61 0.70
C ILE C 56 16.64 28.73 0.90
N VAL C 57 15.50 29.18 0.42
CA VAL C 57 14.28 28.39 0.57
C VAL C 57 13.85 27.72 -0.71
N PHE C 58 13.60 26.42 -0.62
CA PHE C 58 13.14 25.64 -1.76
C PHE C 58 11.90 24.88 -1.27
N HIS C 59 11.07 24.43 -2.20
CA HIS C 59 9.92 23.63 -1.85
C HIS C 59 10.32 22.24 -2.33
N ASN C 60 10.79 21.42 -1.40
CA ASN C 60 11.22 20.06 -1.75
C ASN C 60 12.62 20.07 -2.34
N GLY C 61 13.45 21.00 -1.88
CA GLY C 61 14.81 21.08 -2.36
C GLY C 61 15.75 20.07 -1.69
N HIS C 62 15.37 19.60 -0.51
CA HIS C 62 16.21 18.64 0.18
C HIS C 62 16.30 17.33 -0.59
N LYS C 63 15.26 16.96 -1.33
CA LYS C 63 15.29 15.73 -2.09
C LYS C 63 15.63 15.95 -3.54
N TYR C 64 15.27 17.10 -4.10
CA TYR C 64 15.54 17.32 -5.51
C TYR C 64 16.52 18.44 -5.87
N ASP C 65 16.04 19.68 -5.80
CA ASP C 65 16.84 20.85 -6.18
C ASP C 65 18.29 20.88 -5.70
N VAL C 66 18.52 20.82 -4.40
CA VAL C 66 19.89 20.86 -3.89
C VAL C 66 20.77 19.73 -4.43
N PRO C 67 20.36 18.46 -4.28
CA PRO C 67 21.26 17.43 -4.83
C PRO C 67 21.34 17.41 -6.37
N ALA C 68 20.31 17.94 -7.04
CA ALA C 68 20.32 18.01 -8.50
C ALA C 68 21.35 19.06 -8.97
N LEU C 69 21.41 20.17 -8.25
CA LEU C 69 22.34 21.23 -8.60
C LEU C 69 23.79 20.78 -8.45
N THR C 70 24.06 19.92 -7.48
CA THR C 70 25.42 19.42 -7.29
C THR C 70 25.81 18.58 -8.51
N LYS C 71 24.95 17.66 -8.87
CA LYS C 71 25.17 16.78 -10.01
C LYS C 71 25.34 17.58 -11.30
N LEU C 72 24.37 18.44 -11.59
CA LEU C 72 24.40 19.25 -12.79
C LEU C 72 25.61 20.19 -12.84
N ALA C 73 26.10 20.61 -11.67
CA ALA C 73 27.25 21.49 -11.61
C ALA C 73 28.53 20.79 -12.06
N LYS C 74 28.65 19.51 -11.75
CA LYS C 74 29.82 18.73 -12.09
C LYS C 74 29.79 18.31 -13.56
N LEU C 75 28.61 17.92 -14.03
CA LEU C 75 28.42 17.47 -15.41
C LEU C 75 28.51 18.59 -16.44
N GLN C 76 27.76 19.67 -16.22
CA GLN C 76 27.74 20.79 -17.18
C GLN C 76 28.87 21.82 -17.08
N LEU C 77 29.49 21.96 -15.92
CA LEU C 77 30.51 22.99 -15.76
C LEU C 77 31.80 22.55 -15.09
N ASN C 78 31.88 21.29 -14.69
CA ASN C 78 33.07 20.82 -13.99
C ASN C 78 33.30 21.65 -12.72
N ARG C 79 32.21 22.06 -12.09
CA ARG C 79 32.30 22.84 -10.87
C ARG C 79 31.92 21.99 -9.67
N GLU C 80 32.53 22.28 -8.52
CA GLU C 80 32.20 21.59 -7.29
C GLU C 80 31.22 22.51 -6.57
N PHE C 81 29.99 22.02 -6.40
CA PHE C 81 28.93 22.80 -5.78
C PHE C 81 28.26 21.98 -4.69
N HIS C 82 28.24 22.52 -3.48
CA HIS C 82 27.66 21.82 -2.34
C HIS C 82 27.00 22.76 -1.34
N LEU C 83 25.70 22.98 -1.48
CA LEU C 83 25.02 23.82 -0.51
C LEU C 83 25.07 23.16 0.87
N PRO C 84 25.45 23.91 1.91
CA PRO C 84 25.51 23.33 3.26
C PRO C 84 24.10 23.19 3.84
N ARG C 85 23.84 22.02 4.44
CA ARG C 85 22.56 21.71 5.05
C ARG C 85 22.00 22.85 5.91
N GLU C 86 22.86 23.48 6.70
CA GLU C 86 22.43 24.56 7.59
C GLU C 86 21.92 25.83 6.90
N ASN C 87 22.07 25.93 5.58
CA ASN C 87 21.61 27.12 4.86
C ASN C 87 20.30 26.89 4.09
N CYS C 88 19.80 25.65 4.09
CA CYS C 88 18.59 25.37 3.32
C CYS C 88 17.33 25.17 4.12
N ILE C 89 16.25 25.71 3.58
CA ILE C 89 14.93 25.61 4.18
C ILE C 89 14.03 25.00 3.13
N ASP C 90 13.22 24.04 3.55
CA ASP C 90 12.31 23.34 2.64
C ASP C 90 10.84 23.55 3.08
N THR C 91 10.04 24.23 2.25
CA THR C 91 8.64 24.46 2.65
C THR C 91 7.81 23.18 2.68
N LEU C 92 8.25 22.16 1.96
CA LEU C 92 7.51 20.89 1.98
C LEU C 92 7.74 20.25 3.35
N VAL C 93 8.97 20.30 3.85
CA VAL C 93 9.29 19.75 5.15
C VAL C 93 8.52 20.54 6.20
N LEU C 94 8.53 21.87 6.08
CA LEU C 94 7.82 22.74 6.99
C LEU C 94 6.32 22.47 6.94
N SER C 95 5.79 22.43 5.72
CA SER C 95 4.36 22.20 5.54
C SER C 95 3.90 20.90 6.17
N ARG C 96 4.75 19.88 6.08
CA ARG C 96 4.42 18.57 6.63
C ARG C 96 4.48 18.54 8.13
N LEU C 97 5.22 19.47 8.72
CA LEU C 97 5.32 19.53 10.17
C LEU C 97 4.19 20.35 10.79
N ILE C 98 3.85 21.46 10.15
CA ILE C 98 2.82 22.36 10.65
C ILE C 98 1.39 22.03 10.23
N HIS C 99 1.25 21.10 9.28
CA HIS C 99 -0.07 20.69 8.82
C HIS C 99 -0.06 19.16 8.77
N SER C 100 0.55 18.57 9.80
CA SER C 100 0.68 17.12 9.92
C SER C 100 -0.64 16.37 10.00
N ASN C 101 -1.73 17.09 10.17
CA ASN C 101 -3.04 16.46 10.23
C ASN C 101 -3.56 16.25 8.81
N LEU C 102 -2.88 16.83 7.82
CA LEU C 102 -3.29 16.72 6.42
C LEU C 102 -2.37 15.88 5.54
N LYS C 103 -2.95 15.32 4.48
CA LYS C 103 -2.19 14.51 3.53
C LYS C 103 -1.63 15.47 2.49
N ASP C 104 -0.90 14.94 1.52
CA ASP C 104 -0.37 15.72 0.42
C ASP C 104 -0.05 14.73 -0.69
N THR C 105 0.09 15.21 -1.92
CA THR C 105 0.34 14.34 -3.06
C THR C 105 1.80 13.92 -3.28
N ASP C 106 2.66 14.21 -2.31
CA ASP C 106 4.08 13.87 -2.42
C ASP C 106 4.59 14.42 -3.74
N MET C 107 4.27 15.69 -3.97
CA MET C 107 4.64 16.41 -5.18
C MET C 107 4.15 15.76 -6.45
N GLY C 108 2.84 15.48 -6.50
CA GLY C 108 2.24 14.89 -7.67
C GLY C 108 2.36 13.37 -7.85
N LEU C 109 3.17 12.70 -7.02
CA LEU C 109 3.32 11.26 -7.14
C LEU C 109 2.05 10.48 -6.83
N LEU C 110 1.11 11.12 -6.13
CA LEU C 110 -0.17 10.50 -5.80
C LEU C 110 -1.28 11.36 -6.36
N ARG C 111 -2.43 10.76 -6.61
CA ARG C 111 -3.57 11.49 -7.12
C ARG C 111 -4.37 12.07 -5.95
N SER C 112 -4.66 13.36 -6.01
CA SER C 112 -5.38 14.03 -4.94
C SER C 112 -6.75 13.45 -4.60
N GLY C 113 -7.41 12.86 -5.60
CA GLY C 113 -8.73 12.30 -5.39
C GLY C 113 -8.83 11.09 -4.47
N LYS C 114 -7.75 10.33 -4.35
CA LYS C 114 -7.75 9.14 -3.51
C LYS C 114 -7.19 9.44 -2.12
N LEU C 115 -6.98 10.73 -1.84
CA LEU C 115 -6.46 11.16 -0.55
C LEU C 115 -7.64 11.59 0.32
N PRO C 116 -7.63 11.22 1.61
CA PRO C 116 -8.69 11.58 2.54
C PRO C 116 -8.51 13.01 3.12
N GLY C 117 -9.62 13.63 3.53
CA GLY C 117 -9.58 14.96 4.09
C GLY C 117 -9.31 16.09 3.11
N ALA C 118 -8.96 17.26 3.62
CA ALA C 118 -8.66 18.41 2.78
C ALA C 118 -7.14 18.52 2.55
N LEU C 119 -6.76 19.41 1.63
CA LEU C 119 -5.36 19.63 1.31
C LEU C 119 -5.03 21.12 1.42
N GLU C 120 -3.84 21.42 1.91
CA GLU C 120 -3.41 22.81 2.03
C GLU C 120 -3.30 23.33 0.58
N ALA C 121 -4.01 24.43 0.32
CA ALA C 121 -4.09 25.07 -1.00
C ALA C 121 -2.81 25.39 -1.76
N TRP C 122 -1.93 26.20 -1.16
CA TRP C 122 -0.71 26.57 -1.86
C TRP C 122 0.13 25.35 -2.21
N GLY C 123 0.25 24.44 -1.25
CA GLY C 123 1.03 23.25 -1.48
C GLY C 123 0.41 22.40 -2.57
N TYR C 124 -0.91 22.47 -2.69
CA TYR C 124 -1.61 21.71 -3.70
C TYR C 124 -1.22 22.26 -5.06
N ARG C 125 -1.30 23.58 -5.22
CA ARG C 125 -0.94 24.20 -6.48
C ARG C 125 0.49 23.87 -6.89
N LEU C 126 1.39 23.76 -5.91
CA LEU C 126 2.78 23.44 -6.21
C LEU C 126 2.94 22.00 -6.68
N GLY C 127 2.30 21.07 -6.01
CA GLY C 127 2.41 19.68 -6.40
C GLY C 127 1.74 19.34 -7.75
N GLU C 128 0.96 20.27 -8.29
CA GLU C 128 0.27 20.05 -9.56
C GLU C 128 0.90 20.84 -10.71
N MET C 129 2.01 21.52 -10.43
CA MET C 129 2.71 22.32 -11.44
C MET C 129 2.98 21.51 -12.71
N LYS C 130 3.81 20.48 -12.58
CA LYS C 130 4.15 19.62 -13.73
C LYS C 130 2.92 19.25 -14.57
N GLY C 131 1.99 18.50 -13.97
CA GLY C 131 0.79 18.12 -14.69
C GLY C 131 0.08 19.27 -15.38
N GLU C 132 -0.01 20.42 -14.72
CA GLU C 132 -0.68 21.58 -15.30
C GLU C 132 0.13 22.10 -16.49
N TYR C 133 1.45 22.03 -16.37
CA TYR C 133 2.34 22.48 -17.43
C TYR C 133 2.24 21.50 -18.59
N LYS C 134 2.10 20.22 -18.26
CA LYS C 134 1.99 19.19 -19.28
C LYS C 134 0.71 19.39 -20.07
N ASP C 135 -0.40 19.58 -19.36
CA ASP C 135 -1.68 19.79 -20.04
C ASP C 135 -1.61 21.01 -20.96
N ASP C 136 -0.90 22.06 -20.53
CA ASP C 136 -0.78 23.25 -21.36
C ASP C 136 0.05 22.92 -22.60
N PHE C 137 1.05 22.07 -22.42
CA PHE C 137 1.91 21.67 -23.52
C PHE C 137 1.12 20.94 -24.59
N LYS C 138 0.48 19.84 -24.21
CA LYS C 138 -0.33 19.04 -25.14
C LYS C 138 -1.34 19.92 -25.87
N ARG C 139 -1.81 20.95 -25.17
CA ARG C 139 -2.78 21.88 -25.75
C ARG C 139 -2.05 22.77 -26.76
N MET C 140 -1.17 23.63 -26.27
CA MET C 140 -0.41 24.52 -27.15
C MET C 140 0.13 23.72 -28.33
N LEU C 141 0.39 22.44 -28.07
CA LEU C 141 0.93 21.52 -29.07
C LEU C 141 -0.09 21.10 -30.13
N GLU C 142 -1.15 20.42 -29.72
CA GLU C 142 -2.17 19.95 -30.65
C GLU C 142 -2.81 21.10 -31.41
N GLU C 143 -2.75 22.30 -30.86
CA GLU C 143 -3.31 23.46 -31.54
C GLU C 143 -2.34 23.87 -32.63
N GLN C 144 -1.30 23.06 -32.81
CA GLN C 144 -0.29 23.33 -33.82
C GLN C 144 -0.22 22.19 -34.84
N GLY C 145 -0.98 21.14 -34.58
CA GLY C 145 -0.99 20.00 -35.47
C GLY C 145 0.05 18.94 -35.14
N GLU C 146 1.02 19.29 -34.28
CA GLU C 146 2.05 18.33 -33.88
C GLU C 146 1.44 17.22 -33.07
N GLU C 147 2.28 16.29 -32.64
CA GLU C 147 1.84 15.18 -31.83
C GLU C 147 2.62 15.22 -30.54
N TYR C 148 1.95 14.90 -29.44
CA TYR C 148 2.61 14.90 -28.14
C TYR C 148 3.36 13.57 -27.99
N VAL C 149 4.49 13.59 -27.29
CA VAL C 149 5.31 12.39 -27.08
C VAL C 149 5.81 12.22 -25.65
N ASP C 150 5.97 10.97 -25.23
CA ASP C 150 6.49 10.59 -23.91
C ASP C 150 6.24 11.63 -22.83
N GLY C 151 7.20 12.55 -22.75
CA GLY C 151 7.15 13.66 -21.80
C GLY C 151 8.10 14.69 -22.35
N MET C 152 7.89 15.04 -23.62
CA MET C 152 8.73 16.00 -24.32
C MET C 152 8.69 17.42 -23.78
N GLU C 153 7.70 17.72 -22.93
CA GLU C 153 7.60 19.05 -22.34
C GLU C 153 8.83 19.33 -21.47
N TRP C 154 9.65 18.31 -21.24
CA TRP C 154 10.84 18.46 -20.43
C TRP C 154 12.19 18.39 -21.15
N TRP C 155 12.19 18.02 -22.43
CA TRP C 155 13.47 17.91 -23.15
C TRP C 155 14.18 19.23 -23.43
N ASN C 156 13.41 20.29 -23.68
CA ASN C 156 14.07 21.57 -23.97
C ASN C 156 13.45 22.72 -23.19
N PHE C 157 14.21 23.80 -23.05
CA PHE C 157 13.70 24.96 -22.35
C PHE C 157 12.66 25.68 -23.21
N ASN C 158 11.84 26.53 -22.59
CA ASN C 158 10.86 27.35 -23.31
C ASN C 158 10.20 28.34 -22.35
N GLU C 159 9.77 29.48 -22.89
CA GLU C 159 9.17 30.54 -22.08
C GLU C 159 7.92 30.16 -21.28
N GLU C 160 7.29 29.08 -21.67
CA GLU C 160 6.11 28.62 -20.95
C GLU C 160 6.66 27.99 -19.66
N MET C 161 7.75 27.25 -19.81
CA MET C 161 8.41 26.62 -18.67
C MET C 161 8.93 27.71 -17.72
N MET C 162 9.51 28.76 -18.28
CA MET C 162 10.04 29.87 -17.52
C MET C 162 8.98 30.53 -16.63
N ASP C 163 7.76 30.68 -17.16
CA ASP C 163 6.67 31.31 -16.43
C ASP C 163 6.18 30.49 -15.25
N TYR C 164 6.13 29.17 -15.45
CA TYR C 164 5.70 28.29 -14.37
C TYR C 164 6.75 28.40 -13.27
N ASN C 165 8.02 28.36 -13.67
CA ASN C 165 9.11 28.48 -12.71
C ASN C 165 8.89 29.75 -11.89
N VAL C 166 8.60 30.86 -12.55
CA VAL C 166 8.37 32.11 -11.83
C VAL C 166 7.16 31.95 -10.92
N GLN C 167 6.11 31.32 -11.44
CA GLN C 167 4.90 31.15 -10.65
C GLN C 167 5.15 30.31 -9.40
N ASP C 168 6.00 29.30 -9.50
CA ASP C 168 6.31 28.46 -8.34
C ASP C 168 6.97 29.25 -7.23
N VAL C 169 7.88 30.14 -7.59
CA VAL C 169 8.53 30.95 -6.59
C VAL C 169 7.52 31.89 -5.93
N VAL C 170 6.62 32.48 -6.72
CA VAL C 170 5.65 33.38 -6.11
C VAL C 170 4.70 32.60 -5.19
N VAL C 171 4.41 31.35 -5.51
CA VAL C 171 3.53 30.56 -4.65
C VAL C 171 4.28 30.02 -3.43
N THR C 172 5.54 29.62 -3.63
CA THR C 172 6.38 29.10 -2.55
C THR C 172 6.59 30.21 -1.50
N LYS C 173 6.71 31.44 -1.97
CA LYS C 173 6.89 32.59 -1.09
C LYS C 173 5.62 32.75 -0.24
N ALA C 174 4.47 32.67 -0.91
CA ALA C 174 3.19 32.78 -0.24
C ALA C 174 3.07 31.64 0.78
N LEU C 175 3.47 30.44 0.39
CA LEU C 175 3.42 29.29 1.30
C LEU C 175 4.34 29.54 2.49
N LEU C 176 5.54 30.08 2.25
CA LEU C 176 6.48 30.33 3.33
C LEU C 176 5.87 31.24 4.38
N GLU C 177 5.40 32.40 3.95
CA GLU C 177 4.80 33.38 4.86
C GLU C 177 3.63 32.88 5.68
N LYS C 178 2.79 32.02 5.09
CA LYS C 178 1.67 31.47 5.83
C LYS C 178 2.16 30.51 6.93
N LEU C 179 3.24 29.78 6.63
CA LEU C 179 3.80 28.85 7.63
C LEU C 179 4.53 29.61 8.73
N LEU C 180 5.24 30.66 8.36
CA LEU C 180 5.97 31.48 9.31
C LEU C 180 5.00 32.25 10.20
N SER C 181 3.74 32.29 9.82
CA SER C 181 2.77 33.03 10.61
C SER C 181 2.19 32.19 11.73
N ASP C 182 2.58 30.91 11.81
CA ASP C 182 2.07 30.06 12.88
C ASP C 182 2.93 30.33 14.12
N LYS C 183 2.40 31.14 15.04
CA LYS C 183 3.11 31.52 16.26
C LYS C 183 3.59 30.40 17.17
N HIS C 184 3.06 29.20 16.98
CA HIS C 184 3.48 28.05 17.80
C HIS C 184 4.89 27.56 17.42
N TYR C 185 5.26 27.69 16.14
CA TYR C 185 6.56 27.23 15.69
C TYR C 185 7.55 28.36 15.52
N PHE C 186 7.01 29.54 15.22
CA PHE C 186 7.83 30.72 15.03
C PHE C 186 7.31 31.86 15.89
N PRO C 187 8.10 32.29 16.87
CA PRO C 187 7.65 33.40 17.74
C PRO C 187 7.44 34.69 16.93
N PRO C 188 6.25 35.30 17.06
CA PRO C 188 5.87 36.53 16.35
C PRO C 188 6.79 37.72 16.54
N GLU C 189 7.61 37.70 17.60
CA GLU C 189 8.52 38.80 17.85
C GLU C 189 9.57 38.91 16.75
N ILE C 190 10.00 37.76 16.21
CA ILE C 190 11.02 37.75 15.17
C ILE C 190 10.47 37.75 13.76
N ASP C 191 11.10 38.50 12.86
CA ASP C 191 10.70 38.49 11.46
C ASP C 191 11.65 37.47 10.84
N PHE C 192 11.20 36.23 10.70
CA PHE C 192 12.06 35.18 10.16
C PHE C 192 12.51 35.26 8.71
N THR C 193 12.03 36.25 7.97
CA THR C 193 12.46 36.39 6.59
C THR C 193 13.62 37.36 6.61
N ASP C 194 14.01 37.79 7.81
CA ASP C 194 15.11 38.73 7.91
C ASP C 194 16.09 38.45 9.05
N VAL C 195 16.68 37.24 9.04
CA VAL C 195 17.66 36.83 10.05
C VAL C 195 18.63 35.78 9.48
N GLY C 196 19.85 35.73 9.97
CA GLY C 196 20.81 34.76 9.48
C GLY C 196 20.45 33.31 9.80
N TYR C 197 21.05 32.36 9.10
CA TYR C 197 20.70 30.97 9.35
C TYR C 197 20.80 30.52 10.82
N THR C 198 21.84 30.93 11.54
CA THR C 198 21.97 30.53 12.95
C THR C 198 20.77 31.00 13.79
N THR C 199 20.24 32.18 13.49
CA THR C 199 19.09 32.67 14.24
C THR C 199 17.83 31.92 13.88
N PHE C 200 17.70 31.52 12.62
CA PHE C 200 16.51 30.80 12.17
C PHE C 200 16.35 29.45 12.89
N TRP C 201 17.44 28.74 13.09
CA TRP C 201 17.37 27.45 13.77
C TRP C 201 17.31 27.57 15.29
N SER C 202 17.95 28.60 15.85
CA SER C 202 17.97 28.76 17.30
C SER C 202 16.76 29.44 17.90
N GLU C 203 16.10 30.31 17.16
CA GLU C 203 14.95 31.01 17.71
C GLU C 203 13.62 30.30 17.42
N SER C 204 13.60 29.39 16.47
CA SER C 204 12.37 28.68 16.15
C SER C 204 12.26 27.39 16.96
N LEU C 205 11.06 26.83 17.00
CA LEU C 205 10.82 25.59 17.74
C LEU C 205 11.82 24.51 17.32
N GLU C 206 12.32 23.76 18.28
CA GLU C 206 13.28 22.70 18.01
C GLU C 206 12.86 21.74 16.88
N ALA C 207 11.55 21.50 16.74
CA ALA C 207 11.05 20.62 15.70
C ALA C 207 11.44 21.10 14.28
N VAL C 208 11.46 22.40 14.06
CA VAL C 208 11.84 22.90 12.75
C VAL C 208 13.26 22.45 12.38
N ASP C 209 14.13 22.38 13.39
CA ASP C 209 15.52 21.96 13.18
C ASP C 209 15.62 20.45 12.97
N ILE C 210 14.91 19.69 13.81
CA ILE C 210 14.93 18.24 13.69
C ILE C 210 14.33 17.73 12.37
N GLU C 211 13.23 18.33 11.90
CA GLU C 211 12.65 17.89 10.64
C GLU C 211 13.56 18.16 9.43
N HIS C 212 14.26 19.30 9.40
CA HIS C 212 15.14 19.59 8.26
C HIS C 212 16.37 18.66 8.25
N ARG C 213 16.96 18.38 9.42
CA ARG C 213 18.11 17.49 9.50
C ARG C 213 17.72 16.06 9.09
N ALA C 214 16.64 15.56 9.65
CA ALA C 214 16.16 14.23 9.30
C ALA C 214 15.94 14.14 7.78
N ALA C 215 15.28 15.16 7.23
CA ALA C 215 14.98 15.19 5.81
C ALA C 215 16.26 15.20 4.98
N TRP C 216 17.25 15.95 5.43
CA TRP C 216 18.51 16.04 4.70
C TRP C 216 19.23 14.70 4.71
N LEU C 217 19.20 14.03 5.86
CA LEU C 217 19.82 12.73 5.98
C LEU C 217 19.08 11.63 5.22
N LEU C 218 17.76 11.63 5.29
CA LEU C 218 17.00 10.59 4.60
C LEU C 218 17.04 10.75 3.10
N ALA C 219 17.27 11.96 2.61
CA ALA C 219 17.36 12.14 1.15
C ALA C 219 18.68 11.48 0.73
N LYS C 220 19.67 11.52 1.61
CA LYS C 220 20.95 10.90 1.36
C LYS C 220 20.72 9.38 1.34
N GLN C 221 19.96 8.88 2.31
CA GLN C 221 19.67 7.46 2.37
C GLN C 221 19.00 7.02 1.07
N GLU C 222 17.99 7.76 0.62
CA GLU C 222 17.31 7.44 -0.62
C GLU C 222 18.32 7.35 -1.78
N ARG C 223 19.31 8.24 -1.76
CA ARG C 223 20.34 8.24 -2.78
C ARG C 223 21.32 7.07 -2.64
N ASN C 224 21.55 6.60 -1.42
CA ASN C 224 22.45 5.47 -1.23
C ASN C 224 21.79 4.22 -1.82
N GLY C 225 20.51 4.05 -1.52
CA GLY C 225 19.78 2.89 -2.01
C GLY C 225 20.12 1.66 -1.17
N PHE C 226 19.44 0.55 -1.44
CA PHE C 226 19.71 -0.67 -0.69
C PHE C 226 20.22 -1.77 -1.62
N PRO C 227 21.45 -2.25 -1.40
CA PRO C 227 22.01 -3.31 -2.26
C PRO C 227 21.04 -4.49 -2.34
N PHE C 228 20.67 -4.86 -3.56
CA PHE C 228 19.69 -5.91 -3.76
C PHE C 228 20.15 -6.99 -4.72
N ASP C 229 19.97 -8.26 -4.33
CA ASP C 229 20.37 -9.43 -5.14
C ASP C 229 19.25 -9.81 -6.12
N THR C 230 19.27 -9.20 -7.30
CA THR C 230 18.27 -9.46 -8.33
C THR C 230 18.18 -10.93 -8.74
N LYS C 231 19.33 -11.55 -8.96
CA LYS C 231 19.40 -12.96 -9.36
C LYS C 231 18.71 -13.84 -8.32
N ALA C 232 18.90 -13.53 -7.05
CA ALA C 232 18.30 -14.34 -6.01
C ALA C 232 16.78 -14.25 -6.06
N ILE C 233 16.26 -13.06 -6.32
CA ILE C 233 14.82 -12.87 -6.37
C ILE C 233 14.17 -13.38 -7.65
N GLU C 234 14.89 -13.30 -8.77
CA GLU C 234 14.35 -13.81 -10.03
C GLU C 234 14.23 -15.34 -9.88
N GLU C 235 15.18 -15.96 -9.19
CA GLU C 235 15.16 -17.40 -8.99
C GLU C 235 14.14 -17.78 -7.92
N LEU C 236 13.75 -16.82 -7.08
CA LEU C 236 12.74 -17.06 -6.06
C LEU C 236 11.37 -16.98 -6.75
N TYR C 237 11.28 -16.08 -7.71
CA TYR C 237 10.06 -15.89 -8.46
C TYR C 237 9.74 -17.22 -9.15
N VAL C 238 10.72 -17.80 -9.81
CA VAL C 238 10.56 -19.07 -10.51
C VAL C 238 10.02 -20.17 -9.58
N GLU C 239 10.61 -20.32 -8.41
CA GLU C 239 10.15 -21.32 -7.44
C GLU C 239 8.66 -21.12 -7.15
N LEU C 240 8.32 -19.93 -6.66
CA LEU C 240 6.94 -19.56 -6.31
C LEU C 240 5.94 -19.70 -7.46
N ALA C 241 6.32 -19.25 -8.65
CA ALA C 241 5.43 -19.34 -9.80
C ALA C 241 5.12 -20.81 -10.12
N ALA C 242 6.08 -21.68 -9.85
CA ALA C 242 5.90 -23.10 -10.11
C ALA C 242 4.98 -23.65 -9.03
N ARG C 243 5.25 -23.27 -7.79
CA ARG C 243 4.43 -23.72 -6.70
C ARG C 243 3.01 -23.16 -6.86
N ARG C 244 2.91 -21.98 -7.47
CA ARG C 244 1.61 -21.39 -7.69
C ARG C 244 0.84 -22.17 -8.74
N SER C 245 1.53 -22.53 -9.82
CA SER C 245 0.91 -23.28 -10.92
C SER C 245 0.34 -24.61 -10.45
N GLU C 246 1.06 -25.28 -9.56
CA GLU C 246 0.64 -26.58 -9.05
C GLU C 246 -0.58 -26.51 -8.14
N LEU C 247 -0.65 -25.50 -7.29
CA LEU C 247 -1.77 -25.34 -6.37
C LEU C 247 -3.02 -25.01 -7.17
N LEU C 248 -2.86 -24.28 -8.27
CA LEU C 248 -4.00 -23.93 -9.10
C LEU C 248 -4.51 -25.19 -9.77
N ARG C 249 -3.58 -26.01 -10.28
CA ARG C 249 -3.95 -27.27 -10.93
C ARG C 249 -4.78 -28.09 -9.94
N LYS C 250 -4.26 -28.26 -8.72
CA LYS C 250 -4.97 -29.03 -7.72
C LYS C 250 -6.34 -28.45 -7.42
N LEU C 251 -6.39 -27.17 -7.10
CA LEU C 251 -7.65 -26.53 -6.75
C LEU C 251 -8.69 -26.54 -7.86
N THR C 252 -8.26 -26.25 -9.08
CA THR C 252 -9.19 -26.24 -10.20
C THR C 252 -9.68 -27.63 -10.60
N GLU C 253 -9.19 -28.65 -9.92
CA GLU C 253 -9.65 -30.01 -10.20
C GLU C 253 -10.73 -30.25 -9.14
N THR C 254 -10.46 -29.77 -7.94
CA THR C 254 -11.41 -29.90 -6.83
C THR C 254 -12.66 -29.06 -7.05
N PHE C 255 -12.46 -27.79 -7.36
CA PHE C 255 -13.56 -26.87 -7.57
C PHE C 255 -13.70 -26.56 -9.05
N GLY C 256 -14.73 -27.10 -9.68
CA GLY C 256 -14.92 -26.87 -11.11
C GLY C 256 -15.51 -25.52 -11.48
N SER C 257 -15.51 -25.22 -12.77
CA SER C 257 -16.03 -23.96 -13.27
C SER C 257 -17.56 -23.98 -13.34
N TRP C 258 -18.16 -22.82 -13.62
CA TRP C 258 -19.60 -22.71 -13.69
C TRP C 258 -19.98 -21.51 -14.57
N TYR C 259 -21.27 -21.39 -14.89
CA TYR C 259 -21.75 -20.26 -15.70
C TYR C 259 -22.43 -19.18 -14.89
N GLN C 260 -22.29 -17.94 -15.36
CA GLN C 260 -22.90 -16.79 -14.70
C GLN C 260 -23.54 -15.86 -15.73
N PRO C 261 -24.57 -15.12 -15.32
CA PRO C 261 -25.30 -14.18 -16.18
C PRO C 261 -24.37 -13.01 -16.54
N LYS C 262 -24.37 -12.60 -17.80
CA LYS C 262 -23.51 -11.50 -18.22
C LYS C 262 -23.98 -10.86 -19.54
N GLY C 263 -24.27 -9.56 -19.50
CA GLY C 263 -24.72 -8.89 -20.71
C GLY C 263 -26.24 -8.80 -20.83
N GLY C 264 -26.94 -9.00 -19.72
CA GLY C 264 -28.38 -8.92 -19.76
C GLY C 264 -28.77 -7.46 -19.94
N THR C 265 -29.50 -7.15 -21.01
CA THR C 265 -29.89 -5.78 -21.27
C THR C 265 -31.38 -5.47 -21.16
N GLU C 266 -32.14 -6.36 -20.53
CA GLU C 266 -33.58 -6.14 -20.39
C GLU C 266 -34.12 -6.78 -19.12
N MET C 267 -34.98 -6.06 -18.42
CA MET C 267 -35.62 -6.54 -17.21
C MET C 267 -36.52 -7.71 -17.61
N PHE C 268 -36.46 -8.80 -16.84
CA PHE C 268 -37.30 -9.96 -17.16
C PHE C 268 -38.72 -9.71 -16.66
N CYS C 269 -39.71 -10.00 -17.52
CA CYS C 269 -41.11 -9.81 -17.18
C CYS C 269 -42.00 -11.05 -17.31
N HIS C 270 -42.75 -11.30 -16.25
CA HIS C 270 -43.66 -12.43 -16.17
C HIS C 270 -44.59 -12.42 -17.38
N PRO C 271 -44.62 -13.52 -18.15
CA PRO C 271 -45.47 -13.64 -19.33
C PRO C 271 -46.97 -13.45 -19.07
N ARG C 272 -47.44 -13.77 -17.87
CA ARG C 272 -48.86 -13.65 -17.57
C ARG C 272 -49.33 -12.30 -17.05
N THR C 273 -48.67 -11.76 -16.03
CA THR C 273 -49.11 -10.48 -15.49
C THR C 273 -48.34 -9.28 -16.01
N GLY C 274 -47.14 -9.51 -16.52
CA GLY C 274 -46.33 -8.42 -17.02
C GLY C 274 -45.54 -7.81 -15.88
N LYS C 275 -45.67 -8.41 -14.71
CA LYS C 275 -44.98 -7.97 -13.50
C LYS C 275 -43.46 -8.07 -13.63
N PRO C 276 -42.73 -6.98 -13.38
CA PRO C 276 -41.27 -6.99 -13.48
C PRO C 276 -40.67 -7.86 -12.39
N LEU C 277 -39.62 -8.61 -12.74
CA LEU C 277 -38.97 -9.49 -11.77
C LEU C 277 -37.48 -9.20 -11.66
N PRO C 278 -37.11 -8.04 -11.07
CA PRO C 278 -35.73 -7.60 -10.88
C PRO C 278 -34.72 -8.66 -10.42
N LYS C 279 -35.12 -9.52 -9.48
CA LYS C 279 -34.22 -10.56 -8.95
C LYS C 279 -33.70 -11.55 -10.00
N TYR C 280 -34.42 -11.71 -11.10
CA TYR C 280 -34.02 -12.62 -12.16
C TYR C 280 -32.94 -12.01 -13.05
N PRO C 281 -32.01 -12.85 -13.54
CA PRO C 281 -30.93 -12.35 -14.40
C PRO C 281 -31.57 -11.60 -15.56
N ARG C 282 -30.93 -10.53 -16.02
CA ARG C 282 -31.48 -9.78 -17.13
C ARG C 282 -31.49 -10.64 -18.38
N ILE C 283 -32.35 -10.31 -19.34
CA ILE C 283 -32.42 -11.10 -20.55
C ILE C 283 -32.04 -10.31 -21.78
N LYS C 284 -32.36 -10.87 -22.93
CA LYS C 284 -32.06 -10.23 -24.19
C LYS C 284 -33.07 -10.79 -25.18
N THR C 285 -33.71 -9.90 -25.93
CA THR C 285 -34.70 -10.33 -26.90
C THR C 285 -34.18 -10.12 -28.32
N PRO C 286 -34.05 -11.20 -29.10
CA PRO C 286 -33.56 -11.14 -30.48
C PRO C 286 -34.33 -10.22 -31.42
N LYS C 287 -33.57 -9.43 -32.18
CA LYS C 287 -34.10 -8.48 -33.17
C LYS C 287 -32.94 -7.66 -33.74
N VAL C 288 -35.25 -10.33 -34.78
CA VAL C 288 -34.86 -10.89 -36.05
C VAL C 288 -34.42 -12.34 -35.90
N GLY C 289 -34.64 -13.14 -36.94
CA GLY C 289 -34.29 -14.53 -36.91
C GLY C 289 -35.57 -15.34 -37.00
N GLY C 290 -35.43 -16.61 -37.35
CA GLY C 290 -36.59 -17.47 -37.47
C GLY C 290 -36.22 -18.89 -37.83
N LEU C 309 -33.23 -23.45 -44.78
CA LEU C 309 -33.49 -23.19 -43.37
C LEU C 309 -32.69 -21.99 -42.87
N ASP C 310 -33.19 -21.35 -41.82
CA ASP C 310 -32.48 -20.22 -41.24
C ASP C 310 -31.47 -20.80 -40.25
N THR C 311 -30.23 -20.94 -40.71
CA THR C 311 -29.17 -21.51 -39.90
C THR C 311 -28.87 -20.68 -38.66
N ARG C 312 -29.14 -19.37 -38.72
CA ARG C 312 -28.90 -18.52 -37.57
C ARG C 312 -29.49 -19.15 -36.30
N GLU C 313 -28.87 -18.87 -35.16
CA GLU C 313 -29.34 -19.45 -33.91
C GLU C 313 -30.18 -18.54 -33.00
N TYR C 314 -31.11 -17.80 -33.60
CA TYR C 314 -31.98 -16.89 -32.84
C TYR C 314 -33.37 -16.81 -33.48
N VAL C 315 -34.36 -16.33 -32.74
CA VAL C 315 -35.72 -16.24 -33.30
C VAL C 315 -36.30 -14.83 -33.41
N ALA C 316 -37.03 -14.36 -32.39
CA ALA C 316 -37.62 -13.03 -32.48
C ALA C 316 -38.15 -12.54 -31.14
N GLY C 317 -39.20 -13.20 -30.66
CA GLY C 317 -39.77 -12.83 -29.39
C GLY C 317 -39.38 -13.88 -28.36
N ALA C 318 -38.36 -14.66 -28.69
CA ALA C 318 -37.87 -15.73 -27.81
C ALA C 318 -36.65 -15.28 -27.02
N PRO C 319 -36.89 -14.77 -25.81
CA PRO C 319 -35.89 -14.27 -24.87
C PRO C 319 -34.96 -15.33 -24.29
N TYR C 320 -33.74 -14.92 -24.01
CA TYR C 320 -32.78 -15.82 -23.41
C TYR C 320 -31.94 -15.08 -22.39
N THR C 321 -31.06 -15.80 -21.72
CA THR C 321 -30.21 -15.19 -20.72
C THR C 321 -28.75 -15.39 -21.02
N PRO C 322 -28.06 -14.30 -21.43
CA PRO C 322 -26.63 -14.36 -21.75
C PRO C 322 -25.78 -14.71 -20.53
N VAL C 323 -24.89 -15.68 -20.70
CA VAL C 323 -24.03 -16.13 -19.61
C VAL C 323 -22.58 -16.24 -20.06
N GLU C 324 -21.69 -16.45 -19.09
CA GLU C 324 -20.27 -16.62 -19.36
C GLU C 324 -19.72 -17.80 -18.54
N HIS C 325 -18.62 -18.37 -19.02
CA HIS C 325 -17.98 -19.49 -18.34
C HIS C 325 -16.91 -18.91 -17.41
N VAL C 326 -16.90 -19.35 -16.16
CA VAL C 326 -15.92 -18.85 -15.20
C VAL C 326 -15.22 -19.94 -14.43
N VAL C 327 -13.88 -19.85 -14.43
CA VAL C 327 -13.01 -20.81 -13.76
C VAL C 327 -12.74 -20.39 -12.34
N PHE C 328 -12.63 -21.37 -11.44
CA PHE C 328 -12.37 -21.07 -10.05
C PHE C 328 -11.07 -20.30 -9.89
N ASN C 329 -11.14 -19.16 -9.19
CA ASN C 329 -9.98 -18.32 -8.95
C ASN C 329 -9.77 -18.25 -7.44
N PRO C 330 -8.71 -18.89 -6.95
CA PRO C 330 -8.39 -18.90 -5.52
C PRO C 330 -8.20 -17.49 -4.95
N SER C 331 -7.81 -16.54 -5.79
CA SER C 331 -7.60 -15.17 -5.33
C SER C 331 -8.91 -14.43 -5.07
N SER C 332 -9.99 -14.89 -5.68
CA SER C 332 -11.30 -14.28 -5.50
C SER C 332 -11.98 -14.77 -4.23
N ARG C 333 -12.22 -13.86 -3.29
CA ARG C 333 -12.87 -14.22 -2.03
C ARG C 333 -14.31 -14.64 -2.31
N ASP C 334 -14.89 -14.06 -3.35
CA ASP C 334 -16.27 -14.36 -3.73
C ASP C 334 -16.36 -15.85 -4.06
N HIS C 335 -15.53 -16.30 -5.00
CA HIS C 335 -15.49 -17.71 -5.43
C HIS C 335 -15.32 -18.67 -4.25
N ILE C 336 -14.37 -18.36 -3.39
CA ILE C 336 -14.09 -19.20 -2.23
C ILE C 336 -15.35 -19.32 -1.39
N GLN C 337 -15.92 -18.17 -1.05
CA GLN C 337 -17.12 -18.12 -0.22
C GLN C 337 -18.27 -18.91 -0.84
N LYS C 338 -18.32 -18.93 -2.17
CA LYS C 338 -19.38 -19.63 -2.89
C LYS C 338 -19.20 -21.15 -2.93
N LYS C 339 -17.96 -21.61 -3.03
CA LYS C 339 -17.71 -23.04 -3.09
C LYS C 339 -17.80 -23.72 -1.73
N LEU C 340 -17.33 -23.05 -0.68
CA LEU C 340 -17.37 -23.63 0.66
C LEU C 340 -18.80 -23.69 1.23
N GLN C 341 -19.66 -22.78 0.81
CA GLN C 341 -21.05 -22.79 1.29
C GLN C 341 -21.72 -23.98 0.62
N GLU C 342 -21.44 -24.13 -0.67
CA GLU C 342 -21.99 -25.23 -1.45
C GLU C 342 -21.48 -26.53 -0.86
N ALA C 343 -20.32 -26.46 -0.23
CA ALA C 343 -19.71 -27.64 0.38
C ALA C 343 -20.32 -27.85 1.77
N GLY C 344 -21.12 -26.88 2.22
CA GLY C 344 -21.77 -27.02 3.51
C GLY C 344 -21.41 -26.03 4.61
N TRP C 345 -20.70 -24.97 4.25
CA TRP C 345 -20.31 -23.96 5.23
C TRP C 345 -21.37 -22.89 5.40
N VAL C 346 -21.56 -22.46 6.64
CA VAL C 346 -22.52 -21.42 6.95
C VAL C 346 -21.80 -20.32 7.72
N PRO C 347 -21.48 -19.21 7.03
CA PRO C 347 -20.79 -18.07 7.60
C PRO C 347 -21.50 -17.57 8.85
N THR C 348 -20.72 -17.02 9.78
CA THR C 348 -21.26 -16.47 11.01
C THR C 348 -20.80 -15.03 11.12
N LYS C 349 -19.74 -14.70 10.39
CA LYS C 349 -19.17 -13.36 10.36
C LYS C 349 -19.37 -12.72 8.99
N TYR C 350 -20.06 -11.59 8.94
CA TYR C 350 -20.30 -10.89 7.69
C TYR C 350 -19.72 -9.48 7.73
N THR C 351 -19.81 -8.75 6.63
CA THR C 351 -19.28 -7.40 6.56
C THR C 351 -20.38 -6.34 6.47
N ASP C 352 -19.98 -5.08 6.58
CA ASP C 352 -20.92 -3.94 6.50
C ASP C 352 -21.87 -4.12 5.32
N LYS C 353 -21.31 -4.45 4.16
CA LYS C 353 -22.10 -4.64 2.95
C LYS C 353 -22.80 -6.00 2.90
N GLY C 354 -22.76 -6.75 4.01
CA GLY C 354 -23.42 -8.03 4.05
C GLY C 354 -22.68 -9.21 3.44
N ALA C 355 -21.46 -8.96 2.95
CA ALA C 355 -20.68 -10.04 2.37
C ALA C 355 -20.01 -10.80 3.51
N PRO C 356 -19.92 -12.13 3.40
CA PRO C 356 -19.29 -12.93 4.46
C PRO C 356 -17.79 -12.68 4.55
N VAL C 357 -17.23 -12.88 5.73
CA VAL C 357 -15.81 -12.67 5.96
C VAL C 357 -15.01 -13.89 5.58
N VAL C 358 -14.03 -13.69 4.72
CA VAL C 358 -13.18 -14.78 4.29
C VAL C 358 -11.71 -14.42 4.49
N ASP C 359 -11.17 -14.73 5.65
CA ASP C 359 -9.77 -14.46 5.90
C ASP C 359 -9.10 -15.68 6.50
N ASP C 360 -7.78 -15.61 6.69
CA ASP C 360 -7.05 -16.75 7.22
C ASP C 360 -7.65 -17.21 8.55
N GLU C 361 -8.10 -16.27 9.36
CA GLU C 361 -8.69 -16.59 10.65
C GLU C 361 -9.92 -17.48 10.51
N VAL C 362 -10.88 -17.08 9.67
CA VAL C 362 -12.08 -17.90 9.51
C VAL C 362 -11.75 -19.12 8.67
N LEU C 363 -10.87 -18.96 7.68
CA LEU C 363 -10.48 -20.08 6.83
C LEU C 363 -9.89 -21.23 7.62
N GLU C 364 -9.17 -20.90 8.70
CA GLU C 364 -8.57 -21.93 9.51
C GLU C 364 -9.60 -22.66 10.37
N GLY C 365 -10.78 -22.06 10.50
CA GLY C 365 -11.82 -22.66 11.31
C GLY C 365 -12.99 -23.26 10.55
N VAL C 366 -12.96 -23.13 9.23
CA VAL C 366 -14.02 -23.68 8.40
C VAL C 366 -13.93 -25.20 8.38
N ARG C 367 -15.06 -25.87 8.58
CA ARG C 367 -15.10 -27.33 8.54
C ARG C 367 -16.18 -27.80 7.57
N VAL C 368 -15.86 -28.83 6.79
CA VAL C 368 -16.81 -29.38 5.84
C VAL C 368 -16.72 -30.90 5.83
N ASP C 369 -17.65 -31.54 5.12
CA ASP C 369 -17.64 -32.99 5.06
C ASP C 369 -16.63 -33.51 4.06
N ASP C 370 -16.86 -33.27 2.77
CA ASP C 370 -15.92 -33.73 1.76
C ASP C 370 -14.49 -33.50 2.23
N PRO C 371 -13.69 -34.56 2.40
CA PRO C 371 -12.30 -34.46 2.85
C PRO C 371 -11.42 -33.72 1.86
N GLU C 372 -11.58 -34.03 0.58
CA GLU C 372 -10.80 -33.37 -0.45
C GLU C 372 -11.01 -31.86 -0.37
N LYS C 373 -12.27 -31.45 -0.18
CA LYS C 373 -12.63 -30.03 -0.07
C LYS C 373 -11.99 -29.39 1.15
N GLN C 374 -12.02 -30.12 2.27
CA GLN C 374 -11.46 -29.66 3.52
C GLN C 374 -9.95 -29.45 3.37
N ALA C 375 -9.28 -30.40 2.74
CA ALA C 375 -7.84 -30.30 2.55
C ALA C 375 -7.53 -29.17 1.57
N ALA C 376 -8.44 -28.96 0.63
CA ALA C 376 -8.26 -27.92 -0.37
C ALA C 376 -8.06 -26.58 0.30
N ILE C 377 -8.75 -26.38 1.41
CA ILE C 377 -8.66 -25.14 2.14
C ILE C 377 -7.22 -24.74 2.45
N ASP C 378 -6.38 -25.68 2.84
CA ASP C 378 -4.98 -25.36 3.11
C ASP C 378 -4.29 -24.88 1.84
N LEU C 379 -4.59 -25.54 0.73
CA LEU C 379 -4.01 -25.15 -0.55
C LEU C 379 -4.43 -23.71 -0.84
N ILE C 380 -5.66 -23.39 -0.47
CA ILE C 380 -6.16 -22.04 -0.67
C ILE C 380 -5.36 -21.05 0.16
N LYS C 381 -5.14 -21.36 1.45
CA LYS C 381 -4.37 -20.47 2.31
C LYS C 381 -2.93 -20.35 1.81
N GLU C 382 -2.35 -21.46 1.38
CA GLU C 382 -0.97 -21.42 0.88
C GLU C 382 -0.94 -20.65 -0.43
N TYR C 383 -1.97 -20.80 -1.24
CA TYR C 383 -2.04 -20.10 -2.52
C TYR C 383 -2.06 -18.60 -2.34
N LEU C 384 -2.86 -18.13 -1.39
CA LEU C 384 -2.98 -16.69 -1.14
C LEU C 384 -1.65 -16.14 -0.61
N MET C 385 -1.03 -16.85 0.33
CA MET C 385 0.23 -16.41 0.87
C MET C 385 1.33 -16.30 -0.20
N ILE C 386 1.32 -17.23 -1.16
CA ILE C 386 2.31 -17.22 -2.23
C ILE C 386 2.10 -16.05 -3.17
N GLN C 387 0.85 -15.72 -3.45
CA GLN C 387 0.56 -14.59 -4.34
C GLN C 387 0.95 -13.30 -3.62
N LYS C 388 0.90 -13.36 -2.29
CA LYS C 388 1.28 -12.22 -1.47
C LYS C 388 2.79 -11.98 -1.72
N ARG C 389 3.54 -13.07 -1.78
CA ARG C 389 4.97 -12.97 -2.01
C ARG C 389 5.27 -12.59 -3.46
N ILE C 390 4.63 -13.25 -4.42
CA ILE C 390 4.89 -12.92 -5.81
C ILE C 390 4.51 -11.47 -6.08
N GLY C 391 3.39 -11.05 -5.52
CA GLY C 391 2.93 -9.69 -5.73
C GLY C 391 3.91 -8.62 -5.26
N GLN C 392 4.52 -8.84 -4.11
CA GLN C 392 5.46 -7.87 -3.57
C GLN C 392 6.82 -7.87 -4.24
N SER C 393 7.29 -9.06 -4.60
CA SER C 393 8.60 -9.19 -5.20
C SER C 393 8.66 -9.13 -6.72
N ALA C 394 7.62 -9.58 -7.41
CA ALA C 394 7.66 -9.60 -8.87
C ALA C 394 6.54 -9.03 -9.73
N GLU C 395 5.29 -9.37 -9.47
CA GLU C 395 4.21 -8.91 -10.35
C GLU C 395 3.52 -7.61 -10.03
N GLY C 396 3.39 -7.28 -8.76
CA GLY C 396 2.70 -6.05 -8.37
C GLY C 396 3.28 -4.80 -8.98
N ASP C 397 2.50 -3.72 -8.97
CA ASP C 397 2.93 -2.43 -9.52
C ASP C 397 4.19 -1.88 -8.86
N LYS C 398 4.34 -2.10 -7.55
CA LYS C 398 5.50 -1.62 -6.82
C LYS C 398 6.47 -2.76 -6.46
N ALA C 399 6.48 -3.83 -7.24
CA ALA C 399 7.36 -4.96 -6.96
C ALA C 399 8.85 -4.60 -6.99
N TRP C 400 9.63 -5.30 -6.18
CA TRP C 400 11.06 -5.09 -6.09
C TRP C 400 11.75 -5.17 -7.45
N LEU C 401 11.50 -6.26 -8.18
CA LEU C 401 12.12 -6.45 -9.47
C LEU C 401 11.83 -5.34 -10.46
N ARG C 402 10.79 -4.53 -10.19
CA ARG C 402 10.44 -3.41 -11.07
C ARG C 402 11.13 -2.13 -10.65
N TYR C 403 11.59 -2.08 -9.41
CA TYR C 403 12.24 -0.89 -8.88
C TYR C 403 13.76 -0.94 -8.78
N VAL C 404 14.35 -2.10 -9.02
CA VAL C 404 15.81 -2.23 -8.95
C VAL C 404 16.51 -1.34 -9.98
N ALA C 405 17.30 -0.39 -9.48
CA ALA C 405 18.01 0.52 -10.36
C ALA C 405 19.20 -0.18 -11.02
N GLU C 406 19.87 0.53 -11.92
CA GLU C 406 21.01 0.02 -12.66
C GLU C 406 22.23 -0.27 -11.78
N ASP C 407 22.32 0.38 -10.62
CA ASP C 407 23.45 0.18 -9.73
C ASP C 407 23.28 -1.02 -8.83
N GLY C 408 22.22 -1.80 -9.07
CA GLY C 408 21.97 -2.98 -8.26
C GLY C 408 21.40 -2.65 -6.90
N LYS C 409 20.83 -1.45 -6.76
CA LYS C 409 20.24 -1.01 -5.50
C LYS C 409 18.81 -0.51 -5.71
N ILE C 410 17.99 -0.64 -4.68
CA ILE C 410 16.62 -0.16 -4.76
C ILE C 410 16.57 1.14 -3.95
N HIS C 411 16.14 2.22 -4.60
CA HIS C 411 16.06 3.51 -3.94
C HIS C 411 14.62 3.80 -3.53
N GLY C 412 14.23 3.28 -2.37
CA GLY C 412 12.88 3.50 -1.88
C GLY C 412 12.67 4.91 -1.39
N SER C 413 11.47 5.43 -1.59
CA SER C 413 11.14 6.78 -1.17
C SER C 413 10.72 6.84 0.29
N VAL C 414 11.08 7.92 0.96
CA VAL C 414 10.75 8.07 2.38
C VAL C 414 10.20 9.47 2.69
N ASN C 415 9.01 9.53 3.29
CA ASN C 415 8.40 10.81 3.69
C ASN C 415 8.65 10.91 5.20
N PRO C 416 9.74 11.58 5.60
CA PRO C 416 10.18 11.79 6.99
C PRO C 416 9.12 12.11 8.04
N ASN C 417 8.00 12.70 7.60
CA ASN C 417 6.93 13.09 8.53
C ASN C 417 5.53 12.83 7.96
N GLY C 418 5.31 11.62 7.42
CA GLY C 418 4.04 11.27 6.81
C GLY C 418 2.94 10.78 7.73
N ALA C 419 3.30 10.37 8.94
CA ALA C 419 2.28 9.90 9.88
C ALA C 419 1.90 11.04 10.82
N VAL C 420 0.69 10.99 11.37
CA VAL C 420 0.20 12.01 12.29
C VAL C 420 1.06 12.10 13.53
N THR C 421 1.65 10.97 13.90
CA THR C 421 2.47 10.83 15.10
C THR C 421 3.91 11.32 15.00
N GLY C 422 4.33 11.68 13.78
CA GLY C 422 5.69 12.13 13.60
C GLY C 422 6.52 11.04 12.97
N ARG C 423 5.94 9.84 12.89
CA ARG C 423 6.63 8.71 12.28
C ARG C 423 6.82 9.05 10.82
N ALA C 424 7.74 8.37 10.16
CA ALA C 424 7.96 8.60 8.74
C ALA C 424 7.05 7.61 8.00
N THR C 425 6.94 7.76 6.68
CA THR C 425 6.18 6.80 5.86
C THR C 425 7.13 6.40 4.72
N HIS C 426 6.98 5.18 4.23
CA HIS C 426 7.86 4.69 3.17
C HIS C 426 7.06 4.17 1.98
N ALA C 427 7.54 4.43 0.77
CA ALA C 427 6.82 3.97 -0.41
C ALA C 427 7.67 3.90 -1.68
N PHE C 428 7.15 3.17 -2.67
CA PHE C 428 7.78 3.02 -3.98
C PHE C 428 9.16 2.39 -4.04
N PRO C 429 9.33 1.19 -3.47
CA PRO C 429 8.33 0.39 -2.75
C PRO C 429 8.54 0.60 -1.24
N ASN C 430 7.64 0.06 -0.43
CA ASN C 430 7.76 0.23 1.02
C ASN C 430 8.80 -0.74 1.60
N LEU C 431 10.04 -0.27 1.75
CA LEU C 431 11.09 -1.12 2.30
C LEU C 431 10.84 -1.37 3.78
N ALA C 432 9.70 -0.89 4.27
CA ALA C 432 9.31 -1.07 5.68
C ALA C 432 8.20 -2.10 5.83
N GLN C 433 8.01 -2.94 4.82
CA GLN C 433 6.98 -3.98 4.91
C GLN C 433 7.48 -5.29 4.29
N ILE C 434 8.80 -5.45 4.28
CA ILE C 434 9.41 -6.65 3.74
C ILE C 434 9.18 -7.77 4.78
N PRO C 435 8.79 -8.96 4.30
CA PRO C 435 8.52 -10.13 5.16
C PRO C 435 9.63 -10.46 6.16
N GLY C 436 9.22 -10.75 7.39
CA GLY C 436 10.19 -11.10 8.44
C GLY C 436 10.82 -12.47 8.27
N VAL C 437 12.03 -12.64 8.80
CA VAL C 437 12.73 -13.93 8.68
C VAL C 437 11.96 -15.09 9.29
N ARG C 438 11.07 -14.82 10.24
CA ARG C 438 10.30 -15.88 10.86
C ARG C 438 8.95 -16.09 10.20
N SER C 439 8.90 -15.95 8.88
CA SER C 439 7.66 -16.15 8.15
C SER C 439 7.98 -16.76 6.80
N PRO C 440 6.99 -17.42 6.17
CA PRO C 440 7.12 -18.07 4.87
C PRO C 440 7.92 -17.28 3.84
N TYR C 441 9.10 -17.82 3.51
CA TYR C 441 10.01 -17.23 2.53
C TYR C 441 10.74 -15.95 2.95
N GLY C 442 10.63 -15.58 4.22
CA GLY C 442 11.28 -14.37 4.71
C GLY C 442 12.79 -14.31 4.60
N GLU C 443 13.46 -15.42 4.93
CA GLU C 443 14.91 -15.48 4.85
C GLU C 443 15.39 -15.13 3.45
N GLN C 444 14.76 -15.71 2.44
CA GLN C 444 15.18 -15.42 1.07
C GLN C 444 14.91 -13.97 0.72
N CYS C 445 13.75 -13.45 1.09
CA CYS C 445 13.41 -12.05 0.81
C CYS C 445 14.43 -11.18 1.54
N ARG C 446 14.55 -11.44 2.84
CA ARG C 446 15.46 -10.71 3.71
C ARG C 446 16.94 -10.75 3.29
N ALA C 447 17.42 -11.92 2.89
CA ALA C 447 18.82 -12.04 2.48
C ALA C 447 19.09 -11.30 1.18
N ALA C 448 18.05 -11.06 0.39
CA ALA C 448 18.22 -10.36 -0.87
C ALA C 448 18.61 -8.90 -0.69
N PHE C 449 18.34 -8.34 0.49
CA PHE C 449 18.72 -6.96 0.77
C PHE C 449 19.96 -7.04 1.65
N GLY C 450 21.06 -6.44 1.24
CA GLY C 450 22.24 -6.52 2.08
C GLY C 450 23.52 -5.92 1.50
N ALA C 451 24.36 -5.42 2.39
CA ALA C 451 25.64 -4.82 1.99
C ALA C 451 26.54 -5.78 1.22
N GLU C 452 26.50 -7.06 1.54
CA GLU C 452 27.33 -8.04 0.84
C GLU C 452 27.10 -7.94 -0.66
N HIS C 453 25.89 -7.55 -1.06
CA HIS C 453 25.55 -7.43 -2.47
C HIS C 453 26.09 -6.18 -3.13
N HIS C 454 26.94 -5.46 -2.41
CA HIS C 454 27.59 -4.27 -2.96
C HIS C 454 29.09 -4.54 -2.96
N LEU C 455 29.72 -4.38 -4.11
CA LEU C 455 31.16 -4.60 -4.23
C LEU C 455 31.85 -3.23 -4.13
N ASP C 456 32.90 -3.16 -3.33
CA ASP C 456 33.60 -1.89 -3.20
C ASP C 456 34.13 -1.34 -4.52
N GLY C 457 33.93 -0.04 -4.71
CA GLY C 457 34.38 0.61 -5.93
C GLY C 457 35.85 0.43 -6.22
N ILE C 458 36.69 0.36 -5.20
CA ILE C 458 38.13 0.18 -5.42
C ILE C 458 38.54 -1.28 -5.38
N THR C 459 38.48 -1.88 -4.19
CA THR C 459 38.88 -3.27 -3.99
C THR C 459 38.02 -4.32 -4.64
N GLY C 460 36.73 -4.04 -4.76
CA GLY C 460 35.82 -5.01 -5.36
C GLY C 460 35.32 -6.03 -4.36
N LYS C 461 35.78 -5.90 -3.11
CA LYS C 461 35.35 -6.83 -2.07
C LYS C 461 33.97 -6.40 -1.58
N PRO C 462 33.17 -7.35 -1.07
CA PRO C 462 31.82 -7.06 -0.57
C PRO C 462 31.88 -6.17 0.65
N TRP C 463 30.79 -5.46 0.93
CA TRP C 463 30.71 -4.59 2.09
C TRP C 463 30.06 -5.41 3.20
N VAL C 464 29.93 -4.81 4.38
CA VAL C 464 29.33 -5.52 5.50
C VAL C 464 28.18 -4.72 6.07
N GLN C 465 27.24 -5.41 6.70
CA GLN C 465 26.08 -4.75 7.25
C GLN C 465 26.12 -4.57 8.78
N ALA C 466 25.52 -3.48 9.23
CA ALA C 466 25.42 -3.18 10.65
C ALA C 466 23.96 -2.83 10.87
N GLY C 467 23.25 -3.67 11.63
CA GLY C 467 21.86 -3.42 11.90
C GLY C 467 21.68 -3.11 13.36
N ILE C 468 21.13 -1.93 13.66
CA ILE C 468 20.90 -1.52 15.03
C ILE C 468 19.42 -1.26 15.23
N ASP C 469 18.87 -1.77 16.33
CA ASP C 469 17.46 -1.62 16.64
C ASP C 469 17.30 -1.14 18.10
N ALA C 470 16.33 -0.26 18.33
CA ALA C 470 16.09 0.28 19.67
C ALA C 470 15.31 -0.70 20.54
N SER C 471 15.90 -1.13 21.65
CA SER C 471 15.28 -2.10 22.55
C SER C 471 13.98 -1.67 23.27
N GLY C 472 12.98 -2.55 23.24
CA GLY C 472 11.69 -2.30 23.88
C GLY C 472 11.28 -0.84 23.94
N LEU C 473 11.45 -0.17 22.80
CA LEU C 473 11.16 1.25 22.66
C LEU C 473 9.91 1.87 23.27
N GLU C 474 8.74 1.45 22.80
CA GLU C 474 7.54 2.08 23.32
C GLU C 474 7.11 1.69 24.73
N LEU C 475 7.66 0.62 25.28
CA LEU C 475 7.33 0.28 26.66
C LEU C 475 8.17 1.21 27.54
N ARG C 476 9.35 1.58 27.06
CA ARG C 476 10.20 2.47 27.82
C ARG C 476 9.59 3.87 27.73
N CYS C 477 8.92 4.14 26.62
CA CYS C 477 8.24 5.42 26.47
C CYS C 477 7.07 5.47 27.44
N LEU C 478 6.41 4.33 27.62
CA LEU C 478 5.30 4.26 28.56
C LEU C 478 5.86 4.49 29.95
N ALA C 479 6.96 3.80 30.26
CA ALA C 479 7.59 3.93 31.56
C ALA C 479 7.86 5.39 31.87
N HIS C 480 8.45 6.09 30.91
CA HIS C 480 8.77 7.49 31.09
C HIS C 480 7.54 8.31 31.48
N PHE C 481 6.46 8.17 30.73
CA PHE C 481 5.24 8.91 30.99
C PHE C 481 4.47 8.53 32.24
N MET C 482 4.75 7.37 32.81
CA MET C 482 4.02 6.98 34.01
C MET C 482 4.86 7.07 35.26
N ALA C 483 6.08 7.59 35.10
CA ALA C 483 7.01 7.76 36.21
C ALA C 483 6.50 8.82 37.19
N ARG C 484 5.65 9.70 36.70
CA ARG C 484 5.12 10.75 37.55
C ARG C 484 3.96 10.22 38.37
N PHE C 485 3.59 8.97 38.12
CA PHE C 485 2.51 8.34 38.85
C PHE C 485 3.10 7.19 39.69
N ASP C 486 4.17 6.55 39.20
CA ASP C 486 4.77 5.42 39.93
C ASP C 486 6.23 5.63 40.35
N ASN C 487 6.65 6.88 40.41
CA ASN C 487 8.01 7.24 40.84
C ASN C 487 9.16 6.51 40.17
N GLY C 488 8.94 6.03 38.95
CA GLY C 488 9.99 5.35 38.23
C GLY C 488 10.05 3.85 38.37
N GLU C 489 8.99 3.24 38.90
CA GLU C 489 8.99 1.78 39.07
C GLU C 489 9.02 0.98 37.78
N TYR C 490 8.07 1.24 36.89
CA TYR C 490 8.01 0.50 35.65
C TYR C 490 9.36 0.60 34.93
N ALA C 491 9.98 1.78 35.00
CA ALA C 491 11.26 2.00 34.36
C ALA C 491 12.32 1.07 34.96
N HIS C 492 12.23 0.86 36.27
CA HIS C 492 13.18 -0.02 36.95
C HIS C 492 13.06 -1.48 36.53
N GLU C 493 11.83 -2.00 36.49
CA GLU C 493 11.58 -3.38 36.08
C GLU C 493 11.97 -3.65 34.63
N ILE C 494 11.80 -2.66 33.77
CA ILE C 494 12.14 -2.78 32.37
C ILE C 494 13.59 -3.18 32.22
N LEU C 495 14.45 -2.55 33.01
CA LEU C 495 15.87 -2.85 32.95
C LEU C 495 16.27 -4.06 33.78
N ASN C 496 15.49 -5.14 33.66
CA ASN C 496 15.75 -6.38 34.39
C ASN C 496 15.50 -7.57 33.45
N GLY C 497 16.26 -7.62 32.36
CA GLY C 497 16.13 -8.68 31.38
C GLY C 497 15.16 -8.25 30.28
N ASP C 498 15.06 -9.03 29.21
CA ASP C 498 14.14 -8.66 28.13
C ASP C 498 12.73 -8.61 28.66
N ILE C 499 12.08 -7.45 28.49
CA ILE C 499 10.72 -7.23 28.97
C ILE C 499 9.69 -8.05 28.17
N HIS C 500 9.91 -8.19 26.86
CA HIS C 500 8.99 -8.94 26.00
C HIS C 500 9.04 -10.44 26.27
N THR C 501 10.19 -10.91 26.75
CA THR C 501 10.35 -12.32 27.08
C THR C 501 9.82 -12.56 28.49
N LYS C 502 9.89 -11.53 29.33
CA LYS C 502 9.39 -11.62 30.69
C LYS C 502 7.88 -11.46 30.65
N ASN C 503 7.39 -10.92 29.53
CA ASN C 503 5.97 -10.71 29.32
C ASN C 503 5.39 -11.95 28.64
N GLN C 504 6.25 -12.61 27.86
CA GLN C 504 5.87 -13.80 27.13
C GLN C 504 5.47 -14.92 28.10
N ILE C 505 6.40 -15.30 28.96
CA ILE C 505 6.16 -16.34 29.94
C ILE C 505 5.00 -15.96 30.86
N ALA C 506 4.94 -14.69 31.25
CA ALA C 506 3.88 -14.20 32.12
C ALA C 506 2.50 -14.47 31.54
N ALA C 507 2.33 -14.12 30.26
CA ALA C 507 1.05 -14.33 29.58
C ALA C 507 1.03 -15.73 28.97
N GLU C 508 1.92 -16.59 29.46
CA GLU C 508 2.02 -17.96 28.98
C GLU C 508 2.02 -17.98 27.45
N LEU C 509 2.66 -16.99 26.85
CA LEU C 509 2.71 -16.89 25.38
C LEU C 509 3.82 -17.70 24.71
N PRO C 510 3.60 -18.10 23.43
CA PRO C 510 4.55 -18.88 22.61
C PRO C 510 5.86 -18.18 22.18
N THR C 511 5.81 -17.32 21.16
CA THR C 511 7.01 -16.63 20.69
C THR C 511 7.15 -15.22 21.27
N ARG C 512 8.33 -14.63 21.10
CA ARG C 512 8.59 -13.28 21.60
C ARG C 512 7.92 -12.21 20.74
N ASP C 513 7.84 -12.47 19.42
CA ASP C 513 7.19 -11.53 18.51
C ASP C 513 5.72 -11.39 18.87
N ASN C 514 5.14 -12.52 19.28
CA ASN C 514 3.75 -12.59 19.67
C ASN C 514 3.52 -11.92 21.04
N ALA C 515 4.53 -11.94 21.89
CA ALA C 515 4.44 -11.32 23.22
C ALA C 515 4.44 -9.81 23.04
N LYS C 516 5.03 -9.39 21.93
CA LYS C 516 5.11 -7.97 21.57
C LYS C 516 3.76 -7.52 21.02
N THR C 517 3.22 -8.30 20.09
CA THR C 517 1.93 -7.99 19.49
C THR C 517 0.87 -7.84 20.58
N PHE C 518 0.94 -8.71 21.58
CA PHE C 518 0.00 -8.70 22.69
C PHE C 518 -0.01 -7.34 23.40
N ILE C 519 1.06 -7.05 24.13
CA ILE C 519 1.17 -5.81 24.88
C ILE C 519 0.78 -4.58 24.06
N TYR C 520 1.34 -4.44 22.86
CA TYR C 520 0.98 -3.25 22.09
C TYR C 520 -0.49 -3.20 21.69
N GLY C 521 -1.15 -4.36 21.68
CA GLY C 521 -2.56 -4.39 21.36
C GLY C 521 -3.28 -4.08 22.65
N PHE C 522 -2.74 -4.60 23.74
CA PHE C 522 -3.29 -4.37 25.06
C PHE C 522 -3.22 -2.90 25.45
N LEU C 523 -2.00 -2.39 25.49
CA LEU C 523 -1.75 -1.01 25.88
C LEU C 523 -2.44 0.09 25.08
N TYR C 524 -2.88 -0.19 23.85
CA TYR C 524 -3.56 0.85 23.10
C TYR C 524 -5.07 0.64 22.94
N GLY C 525 -5.67 0.04 23.95
CA GLY C 525 -7.11 -0.19 23.95
C GLY C 525 -7.76 -1.17 23.00
N ALA C 526 -7.18 -2.36 22.85
CA ALA C 526 -7.78 -3.36 21.97
C ALA C 526 -8.83 -4.12 22.78
N GLY C 527 -9.95 -4.43 22.15
CA GLY C 527 -11.04 -5.14 22.82
C GLY C 527 -10.67 -6.52 23.34
N ASP C 528 -11.43 -6.99 24.32
CA ASP C 528 -11.19 -8.31 24.92
C ASP C 528 -11.11 -9.41 23.87
N GLU C 529 -11.97 -9.34 22.86
CA GLU C 529 -11.95 -10.34 21.82
C GLU C 529 -10.65 -10.20 21.03
N ALA C 530 -10.35 -9.00 20.57
CA ALA C 530 -9.14 -8.73 19.82
C ALA C 530 -7.93 -9.30 20.57
N ILE C 531 -7.88 -9.03 21.88
CA ILE C 531 -6.78 -9.51 22.72
C ILE C 531 -6.75 -11.04 22.74
N GLY C 532 -7.90 -11.65 23.02
CA GLY C 532 -7.97 -13.11 23.07
C GLY C 532 -7.56 -13.75 21.77
N GLN C 533 -7.95 -13.14 20.66
CA GLN C 533 -7.61 -13.65 19.33
C GLN C 533 -6.12 -13.74 19.12
N ILE C 534 -5.41 -12.67 19.47
CA ILE C 534 -3.96 -12.62 19.33
C ILE C 534 -3.30 -13.67 20.25
N VAL C 535 -3.86 -13.83 21.46
CA VAL C 535 -3.34 -14.79 22.43
C VAL C 535 -4.46 -15.56 23.15
N GLY C 536 -4.43 -17.66 21.00
CA GLY C 536 -5.62 -17.15 20.34
C GLY C 536 -6.90 -17.78 20.85
N ALA C 537 -7.15 -17.67 22.15
CA ALA C 537 -8.34 -18.24 22.77
C ALA C 537 -9.58 -17.37 22.58
N GLY C 538 -10.55 -17.53 23.49
CA GLY C 538 -11.78 -16.76 23.42
C GLY C 538 -11.71 -15.43 24.13
N LYS C 539 -12.81 -14.68 24.10
CA LYS C 539 -12.87 -13.38 24.75
C LYS C 539 -12.66 -13.48 26.26
N GLU C 540 -12.64 -14.71 26.76
CA GLU C 540 -12.44 -14.95 28.19
C GLU C 540 -10.94 -14.83 28.49
N ARG C 541 -10.14 -15.40 27.59
CA ARG C 541 -8.68 -15.35 27.70
C ARG C 541 -8.27 -13.90 27.54
N GLY C 542 -8.70 -13.30 26.43
CA GLY C 542 -8.40 -11.90 26.21
C GLY C 542 -9.31 -11.11 27.12
N LYS C 543 -9.00 -11.13 28.41
CA LYS C 543 -9.79 -10.41 29.41
C LYS C 543 -9.10 -10.68 30.74
N GLU C 544 -8.78 -11.94 31.01
CA GLU C 544 -8.09 -12.33 32.22
C GLU C 544 -6.71 -11.74 32.05
N LEU C 545 -6.28 -11.69 30.80
CA LEU C 545 -4.98 -11.16 30.42
C LEU C 545 -4.97 -9.63 30.48
N LYS C 546 -6.11 -9.00 30.17
CA LYS C 546 -6.21 -7.55 30.25
C LYS C 546 -6.20 -7.15 31.72
N LYS C 547 -6.87 -7.96 32.54
CA LYS C 547 -6.93 -7.72 33.98
C LYS C 547 -5.56 -7.93 34.60
N LYS C 548 -4.98 -9.11 34.38
CA LYS C 548 -3.69 -9.47 34.94
C LYS C 548 -2.62 -8.40 34.77
N PHE C 549 -2.51 -7.85 33.56
CA PHE C 549 -1.52 -6.80 33.27
C PHE C 549 -1.99 -5.41 33.65
N LEU C 550 -3.26 -5.11 33.48
CA LEU C 550 -3.74 -3.78 33.85
C LEU C 550 -3.70 -3.66 35.37
N GLU C 551 -3.87 -4.79 36.05
CA GLU C 551 -3.85 -4.79 37.50
C GLU C 551 -2.41 -4.75 38.03
N ASN C 552 -1.50 -5.33 37.27
CA ASN C 552 -0.08 -5.36 37.64
C ASN C 552 0.56 -3.99 37.37
N THR C 553 -0.26 -3.01 37.04
CA THR C 553 0.19 -1.63 36.76
C THR C 553 -0.98 -0.65 36.65
N PRO C 554 -1.41 -0.08 37.79
CA PRO C 554 -2.52 0.87 37.81
C PRO C 554 -2.17 2.29 37.33
N ALA C 555 -0.88 2.58 37.22
CA ALA C 555 -0.42 3.89 36.78
C ALA C 555 -0.83 4.12 35.34
N ILE C 556 -1.07 3.04 34.60
CA ILE C 556 -1.50 3.15 33.22
C ILE C 556 -2.91 3.73 33.24
N ALA C 557 -3.63 3.52 34.33
CA ALA C 557 -4.99 4.02 34.46
C ALA C 557 -4.98 5.51 34.77
N ALA C 558 -4.00 5.94 35.55
CA ALA C 558 -3.89 7.34 35.90
C ALA C 558 -3.54 8.14 34.64
N LEU C 559 -2.53 7.66 33.93
CA LEU C 559 -2.06 8.29 32.71
C LEU C 559 -3.20 8.44 31.71
N ARG C 560 -4.02 7.41 31.56
CA ARG C 560 -5.13 7.50 30.63
C ARG C 560 -6.13 8.58 31.01
N GLU C 561 -6.44 8.68 32.30
CA GLU C 561 -7.39 9.70 32.74
C GLU C 561 -6.91 11.12 32.47
N SER C 562 -5.63 11.39 32.77
CA SER C 562 -5.07 12.71 32.53
C SER C 562 -5.26 13.09 31.06
N ILE C 563 -4.86 12.21 30.17
CA ILE C 563 -5.00 12.46 28.75
C ILE C 563 -6.42 12.95 28.46
N GLN C 564 -7.41 12.18 28.90
CA GLN C 564 -8.81 12.51 28.71
C GLN C 564 -9.19 13.87 29.30
N GLN C 565 -8.87 14.06 30.58
CA GLN C 565 -9.18 15.30 31.26
C GLN C 565 -8.47 16.50 30.66
N THR C 566 -7.49 16.23 29.82
CA THR C 566 -6.73 17.29 29.18
C THR C 566 -7.22 17.60 27.79
N LEU C 567 -7.84 16.63 27.12
CA LEU C 567 -8.31 16.83 25.77
C LEU C 567 -9.82 16.91 25.62
N VAL C 568 -10.51 15.94 26.19
CA VAL C 568 -11.95 15.88 26.08
C VAL C 568 -12.75 16.64 27.14
N GLU C 569 -13.90 17.16 26.73
CA GLU C 569 -14.76 17.89 27.64
C GLU C 569 -15.98 17.01 27.88
N SER C 570 -16.43 16.34 26.81
CA SER C 570 -17.57 15.44 26.84
C SER C 570 -17.87 15.01 25.41
N SER C 571 -18.61 13.92 25.24
CA SER C 571 -18.95 13.44 23.89
C SER C 571 -20.21 12.57 23.89
N GLN C 572 -20.82 12.43 22.70
CA GLN C 572 -22.04 11.64 22.56
C GLN C 572 -21.71 10.27 21.97
N TRP C 573 -22.62 9.78 21.12
CA TRP C 573 -22.51 8.50 20.42
C TRP C 573 -23.71 8.40 19.47
N VAL C 574 -24.11 9.55 18.93
CA VAL C 574 -25.25 9.64 18.03
C VAL C 574 -25.08 8.88 16.71
N ALA C 575 -25.48 7.62 16.71
CA ALA C 575 -25.40 6.75 15.52
C ALA C 575 -23.99 6.22 15.27
N GLY C 576 -23.83 5.49 14.17
CA GLY C 576 -22.53 4.93 13.84
C GLY C 576 -21.54 6.00 13.47
N GLU C 577 -20.92 6.62 14.48
CA GLU C 577 -19.94 7.68 14.27
C GLU C 577 -19.31 8.09 15.61
N GLN C 578 -19.24 9.40 15.83
CA GLN C 578 -18.68 9.97 17.06
C GLN C 578 -18.69 11.50 16.97
N GLN C 579 -19.21 12.13 18.01
CA GLN C 579 -19.27 13.59 18.10
C GLN C 579 -18.65 13.95 19.44
N VAL C 580 -17.49 14.61 19.40
CA VAL C 580 -16.78 14.97 20.63
C VAL C 580 -16.55 16.47 20.81
N LYS C 581 -16.59 16.93 22.06
CA LYS C 581 -16.35 18.32 22.42
C LYS C 581 -14.98 18.36 23.07
N TRP C 582 -13.98 18.87 22.36
CA TRP C 582 -12.63 18.93 22.91
C TRP C 582 -12.25 20.24 23.58
N LYS C 583 -11.34 20.15 24.54
CA LYS C 583 -10.84 21.32 25.22
C LYS C 583 -9.67 21.81 24.36
N ARG C 584 -9.02 20.83 23.72
CA ARG C 584 -7.87 21.04 22.84
C ARG C 584 -7.67 19.73 22.09
N ARG C 585 -7.62 19.78 20.76
CA ARG C 585 -7.50 18.54 20.03
C ARG C 585 -6.09 18.11 19.58
N TRP C 586 -5.07 18.49 20.32
CA TRP C 586 -3.71 18.09 19.99
C TRP C 586 -2.85 17.98 21.23
N ILE C 587 -1.72 17.29 21.12
CA ILE C 587 -0.79 17.11 22.22
C ILE C 587 0.58 17.67 21.87
N LYS C 588 1.38 17.98 22.89
CA LYS C 588 2.72 18.52 22.69
C LYS C 588 3.75 17.39 22.57
N GLY C 589 4.51 17.38 21.48
CA GLY C 589 5.51 16.35 21.29
C GLY C 589 6.79 16.63 22.05
N LEU C 590 7.68 15.63 22.13
CA LEU C 590 8.95 15.77 22.84
C LEU C 590 9.78 16.97 22.41
N ASP C 591 9.49 17.51 21.23
CA ASP C 591 10.23 18.66 20.73
C ASP C 591 9.34 19.91 20.64
N GLY C 592 8.14 19.84 21.21
CA GLY C 592 7.24 20.96 21.22
C GLY C 592 6.24 21.16 20.10
N ARG C 593 6.20 20.25 19.12
CA ARG C 593 5.27 20.41 18.03
C ARG C 593 3.88 19.95 18.47
N LYS C 594 2.87 20.25 17.65
CA LYS C 594 1.51 19.82 17.92
C LYS C 594 1.30 18.46 17.26
N VAL C 595 0.74 17.52 18.02
CA VAL C 595 0.46 16.20 17.48
C VAL C 595 -1.06 16.00 17.55
N HIS C 596 -1.69 16.09 16.40
CA HIS C 596 -3.13 15.94 16.29
C HIS C 596 -3.67 14.62 16.88
N VAL C 597 -4.73 14.74 17.67
CA VAL C 597 -5.38 13.59 18.29
C VAL C 597 -6.71 13.37 17.58
N ARG C 598 -6.76 12.37 16.72
CA ARG C 598 -7.96 12.07 15.96
C ARG C 598 -9.12 11.52 16.77
N SER C 599 -8.82 10.73 17.80
CA SER C 599 -9.86 10.12 18.60
C SER C 599 -9.46 9.92 20.07
N PRO C 600 -10.39 10.21 21.00
CA PRO C 600 -10.10 10.04 22.43
C PRO C 600 -9.60 8.66 22.82
N HIS C 601 -10.11 7.61 22.17
CA HIS C 601 -9.67 6.25 22.51
C HIS C 601 -8.24 5.94 22.08
N ALA C 602 -7.73 6.69 21.09
CA ALA C 602 -6.37 6.46 20.61
C ALA C 602 -5.39 7.49 21.15
N ALA C 603 -5.88 8.36 22.04
CA ALA C 603 -5.04 9.41 22.62
C ALA C 603 -3.69 8.91 23.17
N LEU C 604 -3.71 7.83 23.94
CA LEU C 604 -2.49 7.28 24.52
C LEU C 604 -1.50 6.83 23.45
N ASN C 605 -2.01 6.15 22.43
CA ASN C 605 -1.18 5.68 21.35
C ASN C 605 -0.47 6.87 20.74
N THR C 606 -1.23 7.89 20.39
CA THR C 606 -0.65 9.08 19.78
C THR C 606 0.54 9.54 20.62
N LEU C 607 0.34 9.62 21.94
CA LEU C 607 1.40 10.04 22.85
C LEU C 607 2.67 9.17 22.76
N LEU C 608 2.52 7.85 22.93
CA LEU C 608 3.68 6.95 22.90
C LEU C 608 4.32 6.76 21.52
N GLN C 609 3.49 6.59 20.50
CA GLN C 609 4.02 6.40 19.15
C GLN C 609 4.77 7.66 18.74
N SER C 610 4.22 8.82 19.10
CA SER C 610 4.84 10.08 18.75
C SER C 610 6.16 10.24 19.48
N ALA C 611 6.20 9.82 20.73
CA ALA C 611 7.41 9.93 21.53
C ALA C 611 8.47 9.02 20.91
N GLY C 612 8.12 7.76 20.66
CA GLY C 612 9.07 6.84 20.06
C GLY C 612 9.62 7.37 18.74
N ALA C 613 8.72 7.83 17.87
CA ALA C 613 9.11 8.37 16.58
C ALA C 613 10.13 9.49 16.70
N LEU C 614 9.84 10.48 17.54
CA LEU C 614 10.75 11.61 17.71
C LEU C 614 12.10 11.18 18.29
N ILE C 615 12.07 10.14 19.11
CA ILE C 615 13.31 9.65 19.70
C ILE C 615 14.17 9.01 18.62
N CYS C 616 13.56 8.19 17.77
CA CYS C 616 14.29 7.53 16.71
C CYS C 616 14.77 8.50 15.64
N LYS C 617 14.08 9.61 15.48
CA LYS C 617 14.46 10.58 14.48
C LYS C 617 15.73 11.30 14.96
N LEU C 618 15.75 11.75 16.21
CA LEU C 618 16.93 12.44 16.73
C LEU C 618 18.09 11.47 16.77
N TRP C 619 17.78 10.21 17.06
CA TRP C 619 18.78 9.15 17.16
C TRP C 619 19.60 8.92 15.89
N ILE C 620 18.93 8.66 14.77
CA ILE C 620 19.65 8.43 13.52
C ILE C 620 20.42 9.67 13.11
N ILE C 621 19.88 10.83 13.48
CA ILE C 621 20.54 12.10 13.15
C ILE C 621 21.82 12.21 13.95
N LYS C 622 21.73 11.97 15.25
CA LYS C 622 22.89 12.05 16.12
C LYS C 622 23.91 10.96 15.77
N THR C 623 23.42 9.80 15.36
CA THR C 623 24.31 8.70 14.99
C THR C 623 25.21 9.05 13.82
N GLU C 624 24.63 9.55 12.73
CA GLU C 624 25.46 9.87 11.57
C GLU C 624 26.37 11.05 11.88
N GLU C 625 25.90 11.94 12.75
CA GLU C 625 26.70 13.09 13.11
C GLU C 625 27.93 12.67 13.92
N MET C 626 27.81 11.64 14.75
CA MET C 626 28.96 11.19 15.53
C MET C 626 29.99 10.43 14.70
N LEU C 627 29.53 9.72 13.67
CA LEU C 627 30.43 8.97 12.80
C LEU C 627 31.28 9.91 11.96
N VAL C 628 30.64 10.93 11.41
CA VAL C 628 31.31 11.93 10.58
C VAL C 628 32.26 12.71 11.46
N GLU C 629 32.03 12.67 12.76
CA GLU C 629 32.87 13.37 13.69
C GLU C 629 34.11 12.53 13.93
N LYS C 630 33.92 11.20 13.95
CA LYS C 630 35.04 10.28 14.14
C LYS C 630 35.86 10.19 12.87
N GLY C 631 35.62 11.11 11.94
CA GLY C 631 36.36 11.10 10.68
C GLY C 631 35.83 10.25 9.55
N LEU C 632 34.76 9.50 9.78
CA LEU C 632 34.19 8.64 8.74
C LEU C 632 33.41 9.40 7.66
N LYS C 633 33.51 8.89 6.44
CA LYS C 633 32.87 9.48 5.26
C LYS C 633 31.59 8.72 4.88
N HIS C 634 30.48 9.43 4.76
CA HIS C 634 29.19 8.82 4.42
C HIS C 634 28.98 8.69 2.90
N GLY C 635 28.99 7.46 2.41
CA GLY C 635 28.80 7.22 0.99
C GLY C 635 29.46 5.95 0.52
N TRP C 636 29.00 5.40 -0.59
CA TRP C 636 29.60 4.16 -1.12
C TRP C 636 31.07 4.40 -1.48
N ASP C 637 31.44 5.66 -1.63
CA ASP C 637 32.80 6.02 -1.95
C ASP C 637 33.53 6.38 -0.66
N GLY C 638 32.94 5.97 0.47
CA GLY C 638 33.54 6.27 1.76
C GLY C 638 33.74 5.10 2.69
N ASP C 639 33.15 5.18 3.88
CA ASP C 639 33.29 4.13 4.89
C ASP C 639 31.97 3.51 5.34
N PHE C 640 30.87 4.26 5.19
CA PHE C 640 29.56 3.73 5.60
C PHE C 640 28.43 4.40 4.83
N ALA C 641 27.29 3.72 4.76
CA ALA C 641 26.13 4.27 4.06
C ALA C 641 24.78 3.80 4.63
N TYR C 642 23.93 4.76 4.99
CA TYR C 642 22.60 4.45 5.50
C TYR C 642 21.80 3.76 4.40
N MET C 643 21.32 2.55 4.65
CA MET C 643 20.56 1.83 3.64
C MET C 643 19.06 1.88 3.89
N ALA C 644 18.69 1.93 5.17
CA ALA C 644 17.29 1.98 5.50
C ALA C 644 17.04 2.35 6.95
N TRP C 645 15.86 2.90 7.19
CA TRP C 645 15.42 3.30 8.51
C TRP C 645 13.99 2.83 8.62
N VAL C 646 13.76 1.79 9.41
CA VAL C 646 12.42 1.25 9.60
C VAL C 646 11.91 1.52 11.01
N HIS C 647 11.40 2.74 11.19
CA HIS C 647 10.85 3.21 12.47
C HIS C 647 11.89 3.24 13.57
N ASP C 648 12.15 2.10 14.21
CA ASP C 648 13.16 2.11 15.26
C ASP C 648 14.35 1.23 14.93
N GLU C 649 14.60 1.03 13.65
CA GLU C 649 15.71 0.19 13.20
C GLU C 649 16.46 0.80 12.02
N ILE C 650 17.78 0.69 12.02
CA ILE C 650 18.56 1.18 10.89
C ILE C 650 19.49 0.10 10.38
N GLN C 651 19.65 0.05 9.07
CA GLN C 651 20.55 -0.89 8.43
C GLN C 651 21.60 -0.04 7.74
N VAL C 652 22.87 -0.25 8.10
CA VAL C 652 23.98 0.51 7.55
C VAL C 652 25.03 -0.38 6.88
N GLY C 653 25.43 -0.01 5.67
CA GLY C 653 26.46 -0.75 4.96
C GLY C 653 27.83 -0.21 5.38
N CYS C 654 28.78 -1.10 5.63
CA CYS C 654 30.12 -0.70 6.07
C CYS C 654 31.20 -1.30 5.18
N ARG C 655 32.25 -0.53 4.89
CA ARG C 655 33.32 -1.00 4.02
C ARG C 655 34.18 -2.11 4.62
N THR C 656 34.28 -2.15 5.95
CA THR C 656 35.05 -3.20 6.63
C THR C 656 34.44 -3.57 7.98
N GLU C 657 34.69 -4.80 8.40
CA GLU C 657 34.21 -5.32 9.67
C GLU C 657 34.51 -4.34 10.78
N GLU C 658 35.70 -3.77 10.73
CA GLU C 658 36.17 -2.81 11.70
C GLU C 658 35.21 -1.61 11.81
N ILE C 659 34.73 -1.13 10.67
CA ILE C 659 33.82 0.01 10.63
C ILE C 659 32.41 -0.35 11.11
N ALA C 660 31.98 -1.57 10.86
CA ALA C 660 30.67 -1.96 11.33
C ALA C 660 30.70 -2.02 12.86
N GLN C 661 31.87 -2.37 13.41
CA GLN C 661 32.05 -2.45 14.86
C GLN C 661 31.88 -1.06 15.49
N VAL C 662 32.40 -0.05 14.80
CA VAL C 662 32.30 1.34 15.26
C VAL C 662 30.89 1.89 15.14
N VAL C 663 30.23 1.63 14.02
CA VAL C 663 28.85 2.09 13.83
C VAL C 663 28.00 1.62 15.01
N ILE C 664 28.00 0.30 15.23
CA ILE C 664 27.24 -0.30 16.33
C ILE C 664 27.54 0.43 17.64
N GLU C 665 28.82 0.43 18.02
CA GLU C 665 29.25 1.09 19.24
C GLU C 665 28.72 2.51 19.29
N THR C 666 28.81 3.21 18.16
CA THR C 666 28.37 4.59 18.08
C THR C 666 26.87 4.76 18.21
N ALA C 667 26.10 3.84 17.64
CA ALA C 667 24.65 3.89 17.71
C ALA C 667 24.18 3.89 19.15
N GLN C 668 24.85 3.10 19.97
CA GLN C 668 24.53 2.97 21.39
C GLN C 668 24.84 4.28 22.11
N GLU C 669 25.94 4.93 21.74
CA GLU C 669 26.32 6.19 22.35
C GLU C 669 25.30 7.30 22.05
N ALA C 670 24.81 7.34 20.82
CA ALA C 670 23.85 8.35 20.40
C ALA C 670 22.49 8.19 21.08
N MET C 671 22.05 6.95 21.24
CA MET C 671 20.78 6.68 21.89
C MET C 671 20.83 7.22 23.34
N ARG C 672 21.87 6.85 24.06
CA ARG C 672 22.03 7.32 25.44
C ARG C 672 22.07 8.85 25.46
N TRP C 673 22.60 9.43 24.39
CA TRP C 673 22.67 10.88 24.26
C TRP C 673 21.24 11.44 24.14
N VAL C 674 20.46 10.89 23.21
CA VAL C 674 19.11 11.36 23.03
C VAL C 674 18.35 11.28 24.35
N GLY C 675 18.42 10.13 25.02
CA GLY C 675 17.74 9.98 26.29
C GLY C 675 18.07 11.08 27.27
N ASP C 676 19.33 11.51 27.28
CA ASP C 676 19.76 12.57 28.17
C ASP C 676 19.24 13.90 27.65
N HIS C 677 19.30 14.08 26.33
CA HIS C 677 18.85 15.32 25.70
C HIS C 677 17.48 15.76 26.19
N TRP C 678 16.50 14.87 26.11
CA TRP C 678 15.14 15.19 26.54
C TRP C 678 14.78 14.78 27.97
N ASN C 679 15.79 14.48 28.78
CA ASN C 679 15.61 14.12 30.18
C ASN C 679 14.65 12.96 30.36
N PHE C 680 14.84 11.88 29.60
CA PHE C 680 13.94 10.74 29.72
C PHE C 680 14.01 10.03 31.06
N ARG C 681 12.85 9.66 31.58
CA ARG C 681 12.77 8.98 32.86
C ARG C 681 12.94 7.46 32.78
N CYS C 682 13.47 7.00 31.65
CA CYS C 682 13.75 5.58 31.46
C CYS C 682 15.00 5.48 30.60
N LEU C 683 15.99 4.73 31.06
CA LEU C 683 17.22 4.58 30.29
C LEU C 683 16.90 3.99 28.89
N LEU C 684 17.57 4.48 27.85
CA LEU C 684 17.33 3.96 26.50
C LEU C 684 18.50 3.09 26.03
N ASP C 685 18.19 2.02 25.30
CA ASP C 685 19.22 1.09 24.80
C ASP C 685 19.05 0.58 23.37
N THR C 686 20.15 0.07 22.81
CA THR C 686 20.15 -0.45 21.45
C THR C 686 20.85 -1.80 21.38
N GLU C 687 20.54 -2.55 20.32
CA GLU C 687 21.14 -3.86 20.10
C GLU C 687 21.58 -3.91 18.65
N GLY C 688 22.87 -4.20 18.44
CA GLY C 688 23.41 -4.25 17.09
C GLY C 688 23.92 -5.60 16.65
N LYS C 689 23.80 -5.86 15.34
CA LYS C 689 24.26 -7.11 14.76
C LYS C 689 25.10 -6.82 13.53
N MET C 690 26.17 -7.59 13.35
CA MET C 690 27.04 -7.42 12.20
C MET C 690 26.93 -8.64 11.30
N GLY C 691 26.70 -8.42 10.01
CA GLY C 691 26.57 -9.56 9.12
C GLY C 691 26.56 -9.16 7.65
N PRO C 692 26.23 -10.10 6.75
CA PRO C 692 26.21 -9.76 5.33
C PRO C 692 24.89 -9.24 4.79
N ASN C 693 23.78 -9.50 5.48
CA ASN C 693 22.49 -9.04 4.97
C ASN C 693 21.44 -8.80 6.04
N TRP C 694 20.23 -8.43 5.60
CA TRP C 694 19.13 -8.14 6.52
C TRP C 694 18.63 -9.39 7.23
N ALA C 695 18.84 -10.55 6.64
CA ALA C 695 18.41 -11.80 7.24
C ALA C 695 19.16 -12.06 8.54
N ILE C 696 20.48 -11.82 8.51
CA ILE C 696 21.32 -12.04 9.68
C ILE C 696 21.37 -10.82 10.60
N CYS C 697 21.02 -9.64 10.08
CA CYS C 697 21.09 -8.43 10.87
C CYS C 697 19.83 -7.91 11.57
N HIS C 698 18.84 -8.76 11.78
CA HIS C 698 17.64 -8.29 12.48
C HIS C 698 17.14 -9.24 13.56
N LYS D 3 -41.18 -38.76 -20.02
CA LYS D 3 -40.69 -39.01 -21.41
C LYS D 3 -39.38 -38.29 -21.66
N ILE D 4 -39.03 -37.38 -20.76
CA ILE D 4 -37.80 -36.62 -20.89
C ILE D 4 -36.59 -37.25 -20.21
N ILE D 5 -35.45 -37.22 -20.89
CA ILE D 5 -34.21 -37.77 -20.36
C ILE D 5 -33.49 -36.71 -19.53
N HIS D 6 -32.88 -37.15 -18.43
CA HIS D 6 -32.14 -36.25 -17.57
C HIS D 6 -30.71 -36.74 -17.62
N LEU D 7 -29.85 -35.94 -18.26
CA LEU D 7 -28.45 -36.29 -18.43
C LEU D 7 -27.52 -35.93 -17.28
N THR D 8 -26.27 -36.40 -17.39
CA THR D 8 -25.22 -36.11 -16.42
C THR D 8 -23.96 -36.04 -17.25
N ASP D 9 -22.87 -35.49 -16.70
CA ASP D 9 -21.64 -35.43 -17.47
C ASP D 9 -21.17 -36.81 -17.91
N ASP D 10 -21.35 -37.82 -17.08
CA ASP D 10 -20.89 -39.14 -17.44
C ASP D 10 -21.80 -39.92 -18.38
N SER D 11 -23.09 -39.59 -18.38
CA SER D 11 -24.02 -40.31 -19.24
C SER D 11 -24.14 -39.68 -20.61
N PHE D 12 -23.67 -38.44 -20.73
CA PHE D 12 -23.78 -37.71 -21.97
C PHE D 12 -23.30 -38.42 -23.24
N ASP D 13 -22.08 -38.92 -23.20
CA ASP D 13 -21.51 -39.59 -24.35
C ASP D 13 -22.39 -40.71 -24.91
N THR D 14 -22.75 -41.70 -24.10
CA THR D 14 -23.55 -42.80 -24.62
C THR D 14 -25.03 -42.51 -24.78
N ASP D 15 -25.58 -41.60 -23.99
CA ASP D 15 -26.99 -41.24 -24.09
C ASP D 15 -27.26 -40.28 -25.24
N VAL D 16 -26.23 -39.53 -25.65
CA VAL D 16 -26.39 -38.57 -26.72
C VAL D 16 -25.53 -38.90 -27.94
N LEU D 17 -24.21 -38.80 -27.79
CA LEU D 17 -23.29 -39.04 -28.88
C LEU D 17 -23.23 -40.46 -29.44
N LYS D 18 -23.95 -41.39 -28.81
CA LYS D 18 -23.95 -42.77 -29.28
C LYS D 18 -25.34 -43.35 -29.29
N ALA D 19 -26.33 -42.47 -29.38
CA ALA D 19 -27.72 -42.88 -29.44
C ALA D 19 -28.09 -42.97 -30.90
N ASP D 20 -29.19 -43.64 -31.22
CA ASP D 20 -29.62 -43.75 -32.61
C ASP D 20 -30.70 -42.72 -32.87
N GLY D 21 -30.65 -42.12 -34.06
CA GLY D 21 -31.65 -41.12 -34.41
C GLY D 21 -31.36 -39.73 -33.85
N ALA D 22 -32.41 -38.93 -33.75
CA ALA D 22 -32.29 -37.56 -33.26
C ALA D 22 -32.50 -37.40 -31.75
N ILE D 23 -31.76 -36.45 -31.17
CA ILE D 23 -31.82 -36.16 -29.75
C ILE D 23 -31.87 -34.64 -29.54
N LEU D 24 -32.89 -34.15 -28.87
CA LEU D 24 -32.98 -32.71 -28.61
C LEU D 24 -32.51 -32.42 -27.20
N VAL D 25 -31.33 -31.81 -27.09
CA VAL D 25 -30.74 -31.47 -25.80
C VAL D 25 -31.02 -30.04 -25.37
N ASP D 26 -31.43 -29.86 -24.12
CA ASP D 26 -31.69 -28.52 -23.58
C ASP D 26 -30.70 -28.22 -22.46
N PHE D 27 -29.84 -27.22 -22.67
CA PHE D 27 -28.91 -26.82 -21.62
C PHE D 27 -29.64 -25.69 -20.89
N TRP D 28 -30.00 -25.95 -19.63
CA TRP D 28 -30.74 -24.99 -18.83
C TRP D 28 -30.17 -24.84 -17.42
N ALA D 29 -30.81 -23.95 -16.64
CA ALA D 29 -30.41 -23.68 -15.27
C ALA D 29 -31.63 -23.17 -14.50
N GLU D 30 -31.70 -23.52 -13.23
CA GLU D 30 -32.81 -23.16 -12.36
C GLU D 30 -33.04 -21.66 -12.22
N TRP D 31 -31.97 -20.86 -12.26
CA TRP D 31 -32.06 -19.40 -12.08
C TRP D 31 -32.41 -18.55 -13.29
N CYS D 32 -32.66 -19.17 -14.42
CA CYS D 32 -32.99 -18.43 -15.63
C CYS D 32 -34.48 -18.37 -15.92
N GLY D 33 -35.00 -17.16 -16.11
CA GLY D 33 -36.41 -16.97 -16.39
C GLY D 33 -36.80 -17.62 -17.71
N PRO D 34 -36.05 -17.36 -18.80
CA PRO D 34 -36.39 -17.95 -20.09
C PRO D 34 -36.43 -19.49 -20.06
N CYS D 35 -35.55 -20.09 -19.26
CA CYS D 35 -35.52 -21.54 -19.16
C CYS D 35 -36.79 -22.05 -18.50
N LYS D 36 -37.22 -21.35 -17.46
CA LYS D 36 -38.43 -21.74 -16.75
C LYS D 36 -39.66 -21.62 -17.67
N MET D 37 -39.63 -20.65 -18.59
CA MET D 37 -40.72 -20.46 -19.55
C MET D 37 -40.82 -21.59 -20.57
N ILE D 38 -39.67 -22.05 -21.06
CA ILE D 38 -39.66 -23.09 -22.10
C ILE D 38 -39.85 -24.53 -21.62
N ALA D 39 -39.59 -24.78 -20.34
CA ALA D 39 -39.74 -26.13 -19.80
C ALA D 39 -41.11 -26.72 -20.13
N PRO D 40 -42.20 -26.00 -19.82
CA PRO D 40 -43.55 -26.49 -20.10
C PRO D 40 -43.68 -26.97 -21.53
N ILE D 41 -43.29 -26.12 -22.47
CA ILE D 41 -43.36 -26.48 -23.87
C ILE D 41 -42.67 -27.82 -24.12
N LEU D 42 -41.40 -27.94 -23.71
CA LEU D 42 -40.67 -29.18 -23.91
C LEU D 42 -41.39 -30.45 -23.42
N ASP D 43 -42.14 -30.32 -22.33
CA ASP D 43 -42.89 -31.47 -21.81
C ASP D 43 -43.86 -32.02 -22.85
N GLU D 44 -44.53 -31.11 -23.55
CA GLU D 44 -45.50 -31.49 -24.58
C GLU D 44 -44.81 -31.94 -25.86
N ILE D 45 -43.69 -31.31 -26.18
CA ILE D 45 -42.95 -31.67 -27.38
C ILE D 45 -42.46 -33.10 -27.23
N ALA D 46 -42.37 -33.56 -25.99
CA ALA D 46 -41.90 -34.90 -25.71
C ALA D 46 -42.98 -35.94 -25.99
N ASP D 47 -44.20 -35.67 -25.52
CA ASP D 47 -45.32 -36.60 -25.73
C ASP D 47 -45.61 -36.77 -27.20
N GLU D 48 -45.67 -35.65 -27.90
CA GLU D 48 -45.98 -35.61 -29.31
C GLU D 48 -44.95 -36.26 -30.24
N TYR D 49 -43.68 -35.89 -30.12
CA TYR D 49 -42.63 -36.46 -30.97
C TYR D 49 -42.07 -37.77 -30.42
N GLN D 50 -42.80 -38.36 -29.49
CA GLN D 50 -42.45 -39.62 -28.85
C GLN D 50 -41.97 -40.65 -29.85
N GLY D 51 -42.37 -40.48 -31.10
CA GLY D 51 -41.97 -41.42 -32.13
C GLY D 51 -40.65 -41.14 -32.81
N LYS D 52 -40.44 -39.91 -33.27
CA LYS D 52 -39.20 -39.58 -33.96
C LYS D 52 -38.31 -38.54 -33.31
N LEU D 53 -38.25 -38.54 -31.99
CA LEU D 53 -37.39 -37.59 -31.28
C LEU D 53 -37.26 -37.85 -29.78
N THR D 54 -36.07 -37.57 -29.25
CA THR D 54 -35.81 -37.76 -27.83
C THR D 54 -35.43 -36.43 -27.20
N VAL D 55 -36.26 -35.95 -26.26
CA VAL D 55 -35.95 -34.70 -25.59
C VAL D 55 -35.14 -35.03 -24.35
N ALA D 56 -33.94 -34.45 -24.26
CA ALA D 56 -33.08 -34.70 -23.10
C ALA D 56 -32.59 -33.37 -22.55
N LYS D 57 -32.56 -33.28 -21.23
CA LYS D 57 -32.12 -32.06 -20.57
C LYS D 57 -30.85 -32.28 -19.76
N LEU D 58 -30.03 -31.23 -19.69
CA LEU D 58 -28.78 -31.26 -18.93
C LEU D 58 -28.77 -29.95 -18.13
N ASN D 59 -28.61 -30.06 -16.82
CA ASN D 59 -28.56 -28.91 -15.93
C ASN D 59 -27.11 -28.47 -15.81
N ILE D 60 -26.77 -27.33 -16.43
CA ILE D 60 -25.38 -26.86 -16.43
C ILE D 60 -24.69 -26.64 -15.09
N ASP D 61 -25.44 -26.48 -14.00
CA ASP D 61 -24.81 -26.32 -12.69
C ASP D 61 -24.38 -27.68 -12.15
N GLN D 62 -25.24 -28.68 -12.30
CA GLN D 62 -24.93 -30.02 -11.79
C GLN D 62 -23.97 -30.79 -12.68
N ASN D 63 -23.83 -30.37 -13.93
CA ASN D 63 -22.92 -31.02 -14.87
C ASN D 63 -22.15 -29.95 -15.63
N PRO D 64 -21.13 -29.37 -14.96
CA PRO D 64 -20.27 -28.33 -15.50
C PRO D 64 -19.31 -28.70 -16.63
N GLY D 65 -19.14 -29.99 -16.89
CA GLY D 65 -18.20 -30.39 -17.92
C GLY D 65 -18.66 -30.43 -19.38
N THR D 66 -19.93 -30.73 -19.62
CA THR D 66 -20.42 -30.83 -20.99
C THR D 66 -20.60 -29.52 -21.76
N ALA D 67 -21.36 -28.58 -21.22
CA ALA D 67 -21.61 -27.32 -21.91
C ALA D 67 -20.39 -26.58 -22.47
N PRO D 68 -19.29 -26.47 -21.68
CA PRO D 68 -18.11 -25.78 -22.16
C PRO D 68 -17.65 -26.28 -23.52
N LYS D 69 -17.60 -27.60 -23.68
CA LYS D 69 -17.18 -28.18 -24.94
C LYS D 69 -18.06 -27.76 -26.11
N TYR D 70 -19.19 -27.12 -25.83
CA TYR D 70 -20.08 -26.72 -26.92
C TYR D 70 -20.18 -25.21 -27.18
N GLY D 71 -19.49 -24.41 -26.38
CA GLY D 71 -19.50 -22.99 -26.57
C GLY D 71 -20.77 -22.29 -26.08
N ILE D 72 -21.42 -22.90 -25.10
CA ILE D 72 -22.63 -22.33 -24.52
C ILE D 72 -22.37 -20.86 -24.19
N ARG D 73 -23.17 -19.98 -24.76
CA ARG D 73 -23.02 -18.54 -24.56
C ARG D 73 -24.29 -17.95 -23.96
N GLY D 74 -25.40 -18.66 -24.14
CA GLY D 74 -26.67 -18.21 -23.59
C GLY D 74 -27.56 -19.41 -23.30
N ILE D 75 -28.58 -19.22 -22.49
CA ILE D 75 -29.50 -20.31 -22.13
C ILE D 75 -30.93 -19.81 -22.08
N PRO D 76 -31.90 -20.70 -22.36
CA PRO D 76 -31.73 -22.12 -22.69
C PRO D 76 -31.18 -22.33 -24.10
N THR D 77 -30.25 -23.27 -24.24
CA THR D 77 -29.70 -23.57 -25.56
C THR D 77 -30.26 -24.93 -25.97
N LEU D 78 -30.72 -25.02 -27.21
CA LEU D 78 -31.27 -26.27 -27.70
C LEU D 78 -30.42 -26.82 -28.83
N LEU D 79 -29.60 -27.82 -28.52
CA LEU D 79 -28.74 -28.47 -29.49
C LEU D 79 -29.45 -29.71 -29.98
N LEU D 80 -29.54 -29.83 -31.30
CA LEU D 80 -30.20 -30.95 -31.93
C LEU D 80 -29.11 -31.89 -32.45
N PHE D 81 -28.96 -33.04 -31.79
CA PHE D 81 -27.94 -34.02 -32.18
C PHE D 81 -28.51 -35.15 -33.05
N LYS D 82 -27.70 -35.58 -34.01
CA LYS D 82 -28.06 -36.70 -34.89
C LYS D 82 -26.74 -37.44 -35.14
N ASN D 83 -26.73 -38.75 -34.87
CA ASN D 83 -25.52 -39.55 -35.05
C ASN D 83 -24.32 -38.86 -34.41
N GLY D 84 -24.41 -38.62 -33.10
CA GLY D 84 -23.33 -38.01 -32.36
C GLY D 84 -22.79 -36.70 -32.90
N GLU D 85 -23.59 -35.99 -33.69
CA GLU D 85 -23.16 -34.72 -34.25
C GLU D 85 -24.25 -33.65 -34.16
N VAL D 86 -23.85 -32.43 -33.82
CA VAL D 86 -24.80 -31.33 -33.70
C VAL D 86 -25.36 -31.04 -35.09
N ALA D 87 -26.66 -31.23 -35.25
CA ALA D 87 -27.32 -31.01 -36.53
C ALA D 87 -27.92 -29.62 -36.69
N ALA D 88 -28.49 -29.10 -35.60
CA ALA D 88 -29.11 -27.78 -35.59
C ALA D 88 -28.85 -27.17 -34.23
N THR D 89 -29.39 -25.97 -34.01
CA THR D 89 -29.23 -25.27 -32.74
C THR D 89 -29.91 -23.90 -32.76
N LYS D 90 -30.60 -23.59 -31.68
CA LYS D 90 -31.33 -22.34 -31.56
C LYS D 90 -31.35 -21.93 -30.08
N VAL D 91 -31.26 -20.64 -29.79
CA VAL D 91 -31.23 -20.19 -28.40
C VAL D 91 -32.37 -19.28 -27.92
N GLY D 92 -33.01 -19.63 -26.82
CA GLY D 92 -34.11 -18.81 -26.31
C GLY D 92 -35.40 -19.55 -26.04
N ALA D 93 -36.35 -18.85 -25.42
CA ALA D 93 -37.64 -19.44 -25.11
C ALA D 93 -38.58 -19.47 -26.31
N LEU D 94 -38.41 -20.46 -27.19
CA LEU D 94 -39.28 -20.54 -28.36
C LEU D 94 -40.71 -20.79 -27.89
N SER D 95 -41.67 -20.40 -28.72
CA SER D 95 -43.06 -20.63 -28.37
C SER D 95 -43.36 -22.07 -28.76
N LYS D 96 -44.41 -22.62 -28.17
CA LYS D 96 -44.80 -23.98 -28.48
C LYS D 96 -44.92 -24.07 -30.00
N GLY D 97 -45.50 -23.01 -30.58
CA GLY D 97 -45.70 -22.95 -32.01
C GLY D 97 -44.47 -22.74 -32.88
N GLN D 98 -43.39 -22.25 -32.31
CA GLN D 98 -42.17 -22.04 -33.09
C GLN D 98 -41.27 -23.27 -33.08
N LEU D 99 -41.23 -23.96 -31.94
CA LEU D 99 -40.41 -25.15 -31.79
C LEU D 99 -40.81 -26.20 -32.81
N LYS D 100 -42.05 -26.65 -32.71
CA LYS D 100 -42.63 -27.64 -33.62
C LYS D 100 -42.12 -27.42 -35.04
N GLU D 101 -42.01 -26.15 -35.43
CA GLU D 101 -41.51 -25.82 -36.76
C GLU D 101 -40.06 -26.23 -36.85
N PHE D 102 -39.24 -25.66 -35.98
CA PHE D 102 -37.81 -25.96 -35.91
C PHE D 102 -37.57 -27.47 -36.02
N LEU D 103 -38.38 -28.24 -35.31
CA LEU D 103 -38.26 -29.70 -35.33
C LEU D 103 -38.64 -30.24 -36.70
N ASP D 104 -39.91 -30.04 -37.07
CA ASP D 104 -40.44 -30.52 -38.35
C ASP D 104 -39.48 -30.23 -39.51
N ALA D 105 -38.98 -29.00 -39.56
CA ALA D 105 -38.07 -28.58 -40.62
C ALA D 105 -36.64 -29.11 -40.45
N ASN D 106 -36.43 -30.06 -39.55
CA ASN D 106 -35.09 -30.62 -39.34
C ASN D 106 -35.08 -32.13 -39.16
N LEU D 107 -36.27 -32.72 -39.07
CA LEU D 107 -36.41 -34.17 -38.90
C LEU D 107 -36.79 -34.84 -40.22
#